data_3E2Z
#
_entry.id   3E2Z
#
_cell.length_a   91.490
_cell.length_b   91.490
_cell.length_c   233.501
_cell.angle_alpha   90.00
_cell.angle_beta   90.00
_cell.angle_gamma   90.00
#
_symmetry.space_group_name_H-M   'P 43 21 2'
#
loop_
_entity.id
_entity.type
_entity.pdbx_description
1 polymer 'Kynurenine-oxoglutarate transaminase 3'
2 polymer 'Kynurenine-oxoglutarate transaminase 3'
3 non-polymer '(2S)-2-amino-4-(2-aminophenyl)-4-oxobutanoic acid'
4 non-polymer GLYCEROL
5 non-polymer "4'-DEOXY-4'-AMINOPYRIDOXAL-5'-PHOSPHATE"
6 water water
#
loop_
_entity_poly.entity_id
_entity_poly.type
_entity_poly.pdbx_seq_one_letter_code
_entity_poly.pdbx_strand_id
1 'polypeptide(L)'
;NAKRIEGLDSNVWVEFTKLAADPSVVNLGQGFPDISPPSYVKEELSKAAFIDNMNQYTRGFGHPALVKALSCLYGKIYQR
QIDPNEEILVAVGAYGSLFNSIQGLVDPGDEVIIMVPFYDCYEPMVRMAGAVPVFIPLRSKPTDGMKWTSSDWTFDPREL
ESKFSSKTKAIILNTPHNPLGKVYTRQELQVIADLCVKHDTLCISDEVYEWLVYTGHTHVKIATLPGMWERTITIGSAG
(LLP)TFSVTGWKLGWSIGPAHLIKHLQTVQQNSFYTCATPLQAALAEAFWIDIKRMDDPECYFNSLPKELEVKRDRMVR
LLNSVGLKPIVPDGGYFIIADVSSLGADLSDMNSDEPYDYKFVKWMTKHKKLTAIPVSAFCDSKSKPHFEKLVRFCFIKK
DSTLDAAEEIFRAWN
;
A
2 'polypeptide(L)'
;NAKRIEGLDSNVWVEFTKLAADPSVVNLGQGFPDISPPSYVKEELSKAAFIDNMNQYTRGFGHPALVKALSCLYGKIYQR
QIDPNEEILVAVGAYGSLFNSIQGLVDPGDEVIIMVPFYDCYEPMVRMAGAVPVFIPLRSKPTDGMKWTSSDWTFDPREL
ESKFSSKTKAIILNTPHNPLGKVYTRQELQVIADLCVKHDTLCISDEVYEWLVYTGHTHVKIATLPGMWERTITIGSAGK
TFSVTGWKLGWSIGPAHLIKHLQTVQQNSFYTCATPLQAALAEAFWIDIKRMDDPECYFNSLPKELEVKRDRMVRLLNSV
GLKPIVPDGGYFIIADVSSLGADLSDMNSDEPYDYKFVKWMTKHKKLTAIPVSAFCDSKSKPHFEKLVRFCFIKKDSTLD
AAEEIFRAWN
;
B
#
loop_
_chem_comp.id
_chem_comp.type
_chem_comp.name
_chem_comp.formula
GOL non-polymer GLYCEROL 'C3 H8 O3'
PMP non-polymer 4'-DEOXY-4'-AMINOPYRIDOXAL-5'-PHOSPHATE 'C8 H13 N2 O5 P'
#
# COMPACT_ATOMS: atom_id res chain seq x y z
N ASN A 1 -3.94 -21.00 4.64
CA ASN A 1 -3.14 -19.77 5.03
C ASN A 1 -1.61 -19.98 5.13
N ALA A 2 -0.78 -19.08 4.59
CA ALA A 2 0.67 -19.25 4.66
C ALA A 2 1.12 -19.17 6.12
N LYS A 3 2.13 -19.97 6.49
CA LYS A 3 2.59 -20.15 7.87
C LYS A 3 2.98 -18.84 8.45
N ARG A 4 3.49 -17.94 7.61
CA ARG A 4 3.97 -16.64 8.12
C ARG A 4 2.84 -15.89 8.79
N ILE A 5 1.60 -16.22 8.45
CA ILE A 5 0.45 -15.52 9.03
C ILE A 5 -0.40 -16.49 9.86
N GLU A 6 0.27 -17.32 10.66
CA GLU A 6 -0.42 -18.15 11.64
C GLU A 6 -0.84 -17.34 12.85
N GLY A 7 -2.12 -17.44 13.22
CA GLY A 7 -2.68 -16.63 14.30
C GLY A 7 -2.29 -15.19 14.25
N LEU A 8 -2.43 -14.53 13.09
CA LEU A 8 -2.22 -13.10 12.99
C LEU A 8 -3.47 -12.47 12.43
N ASP A 9 -4.53 -13.27 12.50
CA ASP A 9 -5.80 -12.98 11.84
C ASP A 9 -6.70 -12.18 12.77
N SER A 10 -6.67 -12.45 14.03
CA SER A 10 -7.39 -11.54 14.90
C SER A 10 -6.58 -10.22 14.95
N ASN A 11 -7.35 -9.14 15.04
CA ASN A 11 -6.92 -7.75 14.93
C ASN A 11 -7.96 -6.93 15.68
N VAL A 12 -7.48 -6.08 16.60
CA VAL A 12 -8.37 -5.43 17.61
C VAL A 12 -9.42 -4.54 16.91
N TRP A 13 -8.93 -3.73 15.95
CA TRP A 13 -9.71 -2.85 15.13
C TRP A 13 -10.86 -3.56 14.35
N VAL A 14 -10.61 -4.77 13.86
CA VAL A 14 -11.69 -5.62 13.43
C VAL A 14 -12.67 -5.87 14.62
N GLU A 15 -12.22 -6.55 15.65
CA GLU A 15 -13.03 -6.82 16.82
C GLU A 15 -13.93 -5.64 17.23
N PHE A 16 -13.41 -4.39 17.16
CA PHE A 16 -14.16 -3.17 17.53
C PHE A 16 -15.10 -2.62 16.49
N THR A 17 -15.42 -3.38 15.47
CA THR A 17 -16.23 -2.79 14.40
C THR A 17 -17.70 -2.64 14.78
N LYS A 18 -18.17 -3.53 15.66
CA LYS A 18 -19.61 -3.62 15.99
C LYS A 18 -20.02 -2.68 17.14
N LEU A 19 -19.06 -1.93 17.65
CA LEU A 19 -19.25 -1.25 18.91
C LEU A 19 -20.11 -0.06 18.60
N ALA A 20 -19.48 1.05 18.23
CA ALA A 20 -20.33 2.13 17.73
C ALA A 20 -20.55 2.02 16.23
N ALA A 21 -21.27 0.98 15.81
CA ALA A 21 -22.07 1.05 14.60
C ALA A 21 -23.40 1.75 14.85
N ASP A 22 -23.63 2.13 16.10
CA ASP A 22 -24.89 2.76 16.49
C ASP A 22 -24.83 4.27 16.21
N PRO A 23 -25.83 4.79 15.50
CA PRO A 23 -25.85 6.18 15.06
C PRO A 23 -25.86 7.15 16.24
N SER A 24 -26.53 6.77 17.34
CA SER A 24 -26.82 7.70 18.43
C SER A 24 -25.72 7.64 19.51
N VAL A 25 -24.60 7.01 19.23
CA VAL A 25 -23.53 7.04 20.21
C VAL A 25 -22.40 7.96 19.83
N VAL A 26 -21.67 8.43 20.83
CA VAL A 26 -20.65 9.47 20.64
C VAL A 26 -19.32 8.72 20.74
N ASN A 27 -18.64 8.62 19.60
CA ASN A 27 -17.48 7.73 19.51
C ASN A 27 -16.22 8.49 19.91
N LEU A 28 -15.63 8.11 21.02
CA LEU A 28 -14.35 8.73 21.39
C LEU A 28 -13.32 7.65 21.41
N GLY A 29 -13.55 6.70 20.56
CA GLY A 29 -12.68 5.57 20.44
C GLY A 29 -11.67 5.69 19.34
N GLN A 30 -12.09 5.49 18.10
CA GLN A 30 -11.15 5.37 16.98
C GLN A 30 -10.41 6.68 16.88
N GLY A 31 -9.20 6.62 16.32
CA GLY A 31 -8.41 7.81 16.15
C GLY A 31 -8.82 8.41 14.81
N PHE A 32 -10.11 8.70 14.71
CA PHE A 32 -10.81 9.22 13.55
C PHE A 32 -11.11 10.69 13.93
N PRO A 33 -10.31 11.62 13.40
CA PRO A 33 -10.58 13.05 13.49
C PRO A 33 -11.93 13.37 12.92
N ASP A 34 -12.62 14.38 13.41
CA ASP A 34 -13.81 14.87 12.75
C ASP A 34 -13.82 16.38 12.77
N ILE A 35 -12.70 17.00 13.12
CA ILE A 35 -12.46 18.36 12.70
C ILE A 35 -12.27 18.48 11.20
N SER A 36 -12.25 19.70 10.68
CA SER A 36 -11.84 19.83 9.28
C SER A 36 -10.37 19.84 9.07
N PRO A 37 -9.92 19.22 7.97
CA PRO A 37 -8.53 19.36 7.68
C PRO A 37 -8.36 20.81 7.21
N PRO A 38 -7.13 21.27 7.07
CA PRO A 38 -6.95 22.59 6.54
C PRO A 38 -7.57 22.76 5.13
N SER A 39 -8.21 23.90 4.87
CA SER A 39 -8.89 24.15 3.55
C SER A 39 -7.90 23.91 2.41
N TYR A 40 -6.69 24.44 2.56
CA TYR A 40 -5.66 24.35 1.52
C TYR A 40 -5.43 22.90 1.11
N VAL A 41 -5.30 22.02 2.10
CA VAL A 41 -5.11 20.62 1.80
C VAL A 41 -6.21 20.01 0.94
N LYS A 42 -7.46 20.36 1.21
CA LYS A 42 -8.52 19.87 0.38
C LYS A 42 -8.48 20.54 -0.98
N GLU A 43 -8.09 21.81 -1.08
CA GLU A 43 -8.14 22.50 -2.38
C GLU A 43 -7.10 21.86 -3.29
N GLU A 44 -5.92 21.59 -2.74
CA GLU A 44 -4.80 21.12 -3.51
C GLU A 44 -5.08 19.74 -4.14
N LEU A 45 -5.78 18.89 -3.40
CA LEU A 45 -6.24 17.63 -3.95
C LEU A 45 -7.20 17.84 -5.08
N SER A 46 -8.01 18.88 -5.00
CA SER A 46 -8.92 19.19 -6.12
C SER A 46 -8.16 19.59 -7.33
N LYS A 47 -7.24 20.56 -7.12
CA LYS A 47 -6.31 21.04 -8.12
C LYS A 47 -5.65 19.84 -8.77
N ALA A 48 -4.78 19.14 -8.04
CA ALA A 48 -4.25 17.84 -8.49
C ALA A 48 -5.21 17.09 -9.46
N ALA A 49 -6.44 16.82 -9.02
CA ALA A 49 -7.33 15.98 -9.78
C ALA A 49 -7.60 16.41 -11.17
N PHE A 50 -7.44 17.67 -11.52
CA PHE A 50 -7.87 18.12 -12.85
C PHE A 50 -6.72 18.21 -13.78
N ILE A 51 -5.51 17.95 -13.25
CA ILE A 51 -4.33 17.78 -14.05
C ILE A 51 -4.15 16.31 -14.43
N ASP A 52 -4.42 15.97 -15.70
CA ASP A 52 -4.00 14.67 -16.26
C ASP A 52 -2.78 13.87 -15.72
N ASN A 53 -1.60 14.47 -15.71
CA ASN A 53 -0.35 13.76 -15.29
C ASN A 53 -0.46 13.15 -13.89
N MET A 54 -0.97 13.92 -12.94
CA MET A 54 -0.95 13.51 -11.54
C MET A 54 -2.13 12.59 -11.20
N ASN A 55 -2.88 12.20 -12.23
CA ASN A 55 -3.63 10.95 -12.19
C ASN A 55 -2.92 9.74 -12.86
N GLN A 56 -1.62 9.84 -13.19
CA GLN A 56 -0.86 8.59 -13.62
C GLN A 56 0.33 8.28 -12.75
N TYR A 57 0.91 7.11 -12.99
CA TYR A 57 2.08 6.71 -12.26
C TYR A 57 3.07 7.84 -11.96
N THR A 58 3.62 7.87 -10.76
CA THR A 58 4.73 8.72 -10.41
C THR A 58 5.82 7.84 -9.85
N ARG A 59 6.89 8.45 -9.36
CA ARG A 59 8.05 7.71 -8.90
C ARG A 59 7.71 6.77 -7.78
N GLY A 60 8.23 5.55 -7.89
CA GLY A 60 7.90 4.55 -6.94
C GLY A 60 8.20 4.84 -5.48
N PHE A 61 9.26 5.58 -5.18
CA PHE A 61 9.75 5.71 -3.82
C PHE A 61 9.30 7.00 -3.30
N GLY A 62 8.60 7.71 -4.18
CA GLY A 62 7.94 8.88 -3.80
C GLY A 62 7.97 9.93 -4.89
N HIS A 63 6.84 10.65 -4.97
CA HIS A 63 6.70 11.72 -5.88
C HIS A 63 7.84 12.70 -5.69
N PRO A 64 8.57 13.02 -6.78
CA PRO A 64 9.72 13.96 -6.59
C PRO A 64 9.42 15.23 -5.77
N ALA A 65 8.28 15.91 -6.03
CA ALA A 65 7.94 17.17 -5.36
C ALA A 65 7.81 16.87 -3.85
N LEU A 66 7.06 15.79 -3.50
CA LEU A 66 6.86 15.45 -2.08
C LEU A 66 8.16 15.20 -1.38
N VAL A 67 8.95 14.30 -1.93
CA VAL A 67 10.19 14.03 -1.22
C VAL A 67 11.11 15.26 -1.17
N LYS A 68 11.13 16.08 -2.21
CA LYS A 68 11.81 17.38 -2.13
C LYS A 68 11.29 18.22 -0.93
N ALA A 69 9.97 18.41 -0.87
CA ALA A 69 9.32 19.00 0.27
C ALA A 69 9.79 18.33 1.64
N LEU A 70 9.65 17.03 1.81
CA LEU A 70 10.13 16.37 3.05
C LEU A 70 11.61 16.55 3.36
N SER A 71 12.45 16.46 2.34
CA SER A 71 13.90 16.61 2.57
C SER A 71 14.14 18.06 3.08
N CYS A 72 13.30 18.99 2.62
CA CYS A 72 13.51 20.36 2.99
C CYS A 72 13.11 20.47 4.46
N LEU A 73 11.81 20.34 4.77
CA LEU A 73 11.25 20.24 6.14
C LEU A 73 12.10 19.53 7.16
N TYR A 74 12.49 18.28 6.87
CA TYR A 74 13.22 17.47 7.85
C TYR A 74 14.70 17.81 7.96
N GLY A 75 15.28 18.36 6.89
CA GLY A 75 16.63 18.95 6.92
C GLY A 75 16.65 20.05 7.93
N LYS A 76 15.58 20.82 7.95
CA LYS A 76 15.37 21.83 8.99
C LYS A 76 15.42 21.23 10.42
N ILE A 77 14.67 20.15 10.62
CA ILE A 77 14.58 19.62 11.97
C ILE A 77 15.78 18.82 12.36
N TYR A 78 16.44 18.14 11.44
CA TYR A 78 17.62 17.32 11.86
C TYR A 78 18.88 18.16 11.86
N GLN A 79 18.80 19.32 11.23
CA GLN A 79 19.87 20.27 11.25
C GLN A 79 20.93 19.59 10.41
N ARG A 80 20.46 18.97 9.35
CA ARG A 80 21.38 18.31 8.45
C ARG A 80 20.69 18.08 7.15
N GLN A 81 21.47 17.92 6.08
CA GLN A 81 20.92 17.59 4.77
C GLN A 81 20.35 16.21 4.70
N ILE A 82 19.13 16.15 4.22
CA ILE A 82 18.49 14.89 4.03
C ILE A 82 18.37 14.71 2.53
N ASP A 83 18.92 13.61 2.07
CA ASP A 83 18.72 13.19 0.68
C ASP A 83 17.26 12.90 0.24
N PRO A 84 16.70 13.74 -0.67
CA PRO A 84 15.42 13.49 -1.30
C PRO A 84 15.24 12.02 -1.68
N ASN A 85 16.25 11.34 -2.31
CA ASN A 85 15.96 10.08 -3.05
C ASN A 85 16.51 8.89 -2.33
N GLU A 86 17.62 9.05 -1.66
CA GLU A 86 18.20 7.90 -0.97
C GLU A 86 17.88 7.84 0.52
N GLU A 87 17.53 8.98 1.11
CA GLU A 87 17.29 9.01 2.55
C GLU A 87 15.77 9.05 2.92
N ILE A 88 14.92 9.15 1.88
CA ILE A 88 13.51 9.06 2.11
C ILE A 88 12.78 8.02 1.31
N LEU A 89 11.80 7.36 1.95
CA LEU A 89 10.84 6.47 1.26
C LEU A 89 9.36 6.74 1.64
N VAL A 90 8.55 7.04 0.65
CA VAL A 90 7.16 7.29 0.92
C VAL A 90 6.38 5.97 0.70
N ALA A 91 5.39 5.73 1.57
CA ALA A 91 4.74 4.47 1.67
C ALA A 91 3.32 4.69 2.13
N VAL A 92 2.46 3.65 2.04
CA VAL A 92 1.03 3.72 2.46
C VAL A 92 1.05 3.83 3.99
N GLY A 93 0.78 5.05 4.45
CA GLY A 93 0.80 5.43 5.87
C GLY A 93 2.02 5.06 6.66
N ALA A 94 1.93 5.30 7.94
CA ALA A 94 2.97 4.82 8.81
C ALA A 94 2.89 3.30 8.98
N TYR A 95 1.77 2.69 8.62
CA TYR A 95 1.67 1.25 8.71
C TYR A 95 2.69 0.68 7.73
N GLY A 96 2.62 1.17 6.49
CA GLY A 96 3.38 0.60 5.43
C GLY A 96 4.84 0.92 5.65
N SER A 97 5.13 2.13 6.14
CA SER A 97 6.48 2.41 6.54
C SER A 97 6.96 1.39 7.57
N LEU A 98 6.17 1.12 8.64
CA LEU A 98 6.60 0.19 9.67
C LEU A 98 6.87 -1.17 9.02
N PHE A 99 5.85 -1.62 8.30
CA PHE A 99 5.96 -2.82 7.47
C PHE A 99 7.20 -2.85 6.51
N ASN A 100 7.51 -1.77 5.80
CA ASN A 100 8.77 -1.82 5.01
C ASN A 100 9.95 -2.11 5.91
N SER A 101 10.04 -1.41 7.04
CA SER A 101 11.24 -1.49 7.89
C SER A 101 11.47 -2.87 8.43
N ILE A 102 10.47 -3.47 9.04
CA ILE A 102 10.56 -4.82 9.58
C ILE A 102 10.73 -5.89 8.53
N GLN A 103 10.00 -5.75 7.43
CA GLN A 103 10.19 -6.62 6.25
C GLN A 103 11.65 -6.56 5.68
N GLY A 104 12.16 -5.34 5.49
CA GLY A 104 13.49 -5.18 4.99
C GLY A 104 14.70 -5.40 5.92
N LEU A 105 14.56 -5.28 7.26
CA LEU A 105 15.67 -5.39 8.18
C LEU A 105 15.71 -6.53 9.22
N VAL A 106 14.64 -7.32 9.30
CA VAL A 106 14.42 -8.20 10.44
C VAL A 106 14.18 -9.59 9.95
N ASP A 107 15.08 -10.47 10.37
CA ASP A 107 15.04 -11.89 9.99
C ASP A 107 14.50 -12.80 11.02
N PRO A 108 13.99 -13.96 10.61
CA PRO A 108 13.47 -14.95 11.54
C PRO A 108 14.43 -15.31 12.65
N GLY A 109 14.02 -15.22 13.92
CA GLY A 109 14.83 -15.71 14.99
C GLY A 109 15.47 -14.55 15.73
N ASP A 110 15.41 -13.36 15.12
CA ASP A 110 15.92 -12.13 15.64
C ASP A 110 14.99 -11.73 16.69
N GLU A 111 15.48 -10.94 17.66
CA GLU A 111 14.62 -10.37 18.74
C GLU A 111 14.35 -8.89 18.50
N VAL A 112 13.10 -8.46 18.60
CA VAL A 112 12.75 -7.05 18.56
C VAL A 112 12.07 -6.61 19.84
N ILE A 113 12.57 -5.53 20.45
CA ILE A 113 12.11 -5.09 21.77
C ILE A 113 10.92 -4.11 21.61
N ILE A 114 9.88 -4.26 22.42
CA ILE A 114 8.70 -3.44 22.24
C ILE A 114 8.23 -2.99 23.61
N MET A 115 8.08 -1.69 23.79
CA MET A 115 7.59 -1.18 25.05
C MET A 115 6.09 -1.23 25.25
N VAL A 116 5.61 -1.78 26.37
CA VAL A 116 4.16 -1.81 26.54
C VAL A 116 3.54 -0.75 27.41
N PRO A 117 2.33 -0.27 27.10
CA PRO A 117 1.48 -0.64 26.00
C PRO A 117 2.13 -0.23 24.72
N PHE A 118 1.83 -0.91 23.60
CA PHE A 118 2.44 -0.55 22.27
C PHE A 118 1.37 -0.29 21.23
N TYR A 119 1.70 0.43 20.15
CA TYR A 119 0.74 0.40 18.99
C TYR A 119 0.56 -1.04 18.52
N ASP A 120 -0.68 -1.51 18.40
CA ASP A 120 -0.88 -2.95 18.33
C ASP A 120 -0.35 -3.63 17.05
N CYS A 121 -0.16 -2.90 15.97
CA CYS A 121 0.45 -3.51 14.83
C CYS A 121 1.89 -3.91 15.08
N TYR A 122 2.62 -3.30 16.03
CA TYR A 122 4.00 -3.72 16.23
C TYR A 122 4.11 -5.27 16.36
N GLU A 123 3.44 -5.84 17.36
CA GLU A 123 3.62 -7.24 17.66
C GLU A 123 3.48 -8.11 16.41
N PRO A 124 2.33 -8.03 15.74
CA PRO A 124 2.06 -8.95 14.63
C PRO A 124 3.02 -8.72 13.44
N MET A 125 3.36 -7.47 13.15
CA MET A 125 4.34 -7.19 12.12
C MET A 125 5.61 -7.96 12.40
N VAL A 126 6.15 -7.85 13.60
CA VAL A 126 7.36 -8.57 13.94
C VAL A 126 7.30 -10.07 14.00
N ARG A 127 6.17 -10.62 14.42
CA ARG A 127 5.96 -12.09 14.36
C ARG A 127 5.94 -12.58 12.91
N MET A 128 5.25 -11.84 12.02
CA MET A 128 5.23 -12.25 10.63
C MET A 128 6.61 -12.34 10.08
N ALA A 129 7.52 -11.50 10.48
CA ALA A 129 8.85 -11.62 9.88
C ALA A 129 9.61 -12.75 10.53
N GLY A 130 8.91 -13.67 11.19
CA GLY A 130 9.55 -14.76 11.90
C GLY A 130 10.31 -14.31 13.13
N ALA A 131 10.16 -13.05 13.59
CA ALA A 131 10.93 -12.57 14.78
C ALA A 131 10.20 -12.69 16.14
N VAL A 132 10.98 -12.70 17.22
CA VAL A 132 10.38 -12.84 18.52
C VAL A 132 10.29 -11.52 19.26
N PRO A 133 9.07 -11.09 19.59
CA PRO A 133 8.98 -9.79 20.26
C PRO A 133 9.38 -9.95 21.71
N VAL A 134 10.18 -9.05 22.23
CA VAL A 134 10.60 -9.17 23.61
C VAL A 134 10.01 -7.96 24.35
N PHE A 135 9.05 -8.21 25.27
CA PHE A 135 8.22 -7.15 25.85
C PHE A 135 8.75 -6.54 27.14
N ILE A 136 8.61 -5.22 27.34
CA ILE A 136 8.99 -4.56 28.59
C ILE A 136 8.03 -3.42 28.98
N PRO A 137 7.36 -3.50 30.19
CA PRO A 137 6.32 -2.47 30.58
C PRO A 137 6.85 -1.10 30.88
N LEU A 138 6.14 -0.06 30.47
CA LEU A 138 6.25 1.29 31.12
C LEU A 138 5.59 1.21 32.49
N ARG A 139 6.34 1.69 33.47
CA ARG A 139 5.98 1.60 34.85
C ARG A 139 5.77 3.02 35.37
N SER A 140 4.80 3.19 36.26
CA SER A 140 4.59 4.53 36.86
C SER A 140 5.50 4.85 38.01
N LYS A 141 5.85 6.11 38.12
CA LYS A 141 6.34 6.69 39.34
C LYS A 141 5.30 7.58 40.11
N PRO A 142 5.70 8.11 41.30
CA PRO A 142 4.76 8.96 42.03
C PRO A 142 4.43 10.26 41.29
N THR A 143 3.28 10.82 41.60
CA THR A 143 2.79 12.01 40.96
C THR A 143 3.34 13.23 41.68
N ASP A 144 3.48 14.35 40.99
CA ASP A 144 3.89 15.59 41.66
C ASP A 144 3.01 15.91 42.86
N GLY A 145 1.77 15.42 42.84
CA GLY A 145 0.85 15.57 43.94
C GLY A 145 -0.44 16.22 43.52
N MET A 146 -0.44 16.96 42.41
CA MET A 146 -1.59 17.73 41.99
C MET A 146 -2.12 17.17 40.68
N LYS A 147 -1.28 16.41 39.98
CA LYS A 147 -1.54 16.07 38.59
C LYS A 147 -0.99 14.68 38.25
N TRP A 148 -1.81 13.84 37.62
CA TRP A 148 -1.32 12.66 36.92
C TRP A 148 -1.05 12.89 35.45
N THR A 149 0.19 12.66 35.04
CA THR A 149 0.58 12.96 33.69
C THR A 149 1.36 11.85 33.03
N SER A 150 1.26 11.79 31.72
CA SER A 150 2.11 10.90 30.95
C SER A 150 3.51 10.84 31.51
N SER A 151 4.06 11.98 31.93
CA SER A 151 5.43 12.04 32.39
C SER A 151 5.71 11.28 33.66
N ASP A 152 4.66 10.62 34.21
CA ASP A 152 4.79 9.91 35.48
C ASP A 152 4.83 8.44 35.15
N TRP A 153 4.99 8.18 33.86
CA TRP A 153 5.12 6.80 33.31
C TRP A 153 6.55 6.81 32.74
N THR A 154 7.41 5.89 33.15
CA THR A 154 8.74 5.82 32.55
C THR A 154 9.22 4.35 32.41
N PHE A 155 10.45 4.11 31.98
CA PHE A 155 10.87 2.72 32.02
C PHE A 155 12.08 2.63 32.96
N ASP A 156 12.39 1.42 33.38
CA ASP A 156 13.53 1.12 34.19
C ASP A 156 14.77 0.82 33.33
N PRO A 157 15.80 1.70 33.44
CA PRO A 157 17.01 1.51 32.67
C PRO A 157 17.58 0.11 32.79
N ARG A 158 17.76 -0.42 34.01
CA ARG A 158 18.42 -1.75 34.18
C ARG A 158 17.53 -2.89 33.66
N GLU A 159 16.21 -2.72 33.79
CA GLU A 159 15.30 -3.73 33.28
C GLU A 159 15.46 -3.77 31.72
N LEU A 160 15.42 -2.57 31.11
CA LEU A 160 15.60 -2.38 29.68
C LEU A 160 16.87 -2.93 29.13
N GLU A 161 17.97 -2.60 29.82
CA GLU A 161 19.30 -3.14 29.52
C GLU A 161 19.20 -4.62 29.37
N SER A 162 18.53 -5.29 30.31
CA SER A 162 18.60 -6.76 30.37
C SER A 162 17.74 -7.33 29.27
N LYS A 163 17.19 -6.50 28.40
CA LYS A 163 16.42 -7.09 27.33
C LYS A 163 17.25 -7.24 26.09
N PHE A 164 18.34 -6.49 25.99
CA PHE A 164 19.14 -6.57 24.78
C PHE A 164 20.03 -7.75 25.00
N SER A 165 20.13 -8.69 24.06
CA SER A 165 21.09 -9.77 24.07
C SER A 165 21.76 -9.75 22.69
N SER A 166 22.71 -10.67 22.46
CA SER A 166 23.35 -10.77 21.15
C SER A 166 22.33 -11.12 20.07
N LYS A 167 21.14 -11.58 20.47
CA LYS A 167 19.99 -11.71 19.50
C LYS A 167 19.11 -10.48 19.26
N THR A 168 19.27 -9.33 19.91
CA THR A 168 18.43 -8.15 19.57
C THR A 168 18.83 -7.65 18.19
N LYS A 169 17.95 -7.83 17.22
CA LYS A 169 18.09 -7.09 15.96
C LYS A 169 17.70 -5.64 16.09
N ALA A 170 16.66 -5.28 16.89
CA ALA A 170 16.10 -3.88 16.91
C ALA A 170 15.30 -3.55 18.14
N ILE A 171 15.10 -2.27 18.45
CA ILE A 171 14.05 -1.80 19.39
C ILE A 171 12.99 -0.89 18.72
N ILE A 172 11.72 -0.98 19.09
CA ILE A 172 10.73 -0.10 18.48
C ILE A 172 10.34 1.00 19.45
N LEU A 173 10.54 2.25 19.06
CA LEU A 173 10.22 3.36 19.92
C LEU A 173 8.99 4.10 19.38
N ASN A 174 8.05 4.47 20.23
CA ASN A 174 6.87 5.26 19.77
C ASN A 174 6.71 6.53 20.58
N THR A 175 7.33 7.62 20.14
CA THR A 175 7.08 8.92 20.81
C THR A 175 6.72 10.01 19.78
N PRO A 176 5.76 10.92 20.11
CA PRO A 176 4.82 10.80 21.26
C PRO A 176 4.05 9.43 21.32
N HIS A 177 3.75 8.94 22.51
CA HIS A 177 3.23 7.59 22.63
C HIS A 177 1.68 7.44 22.45
N ASN A 178 1.36 6.35 21.78
CA ASN A 178 0.01 5.99 21.66
C ASN A 178 -0.01 4.64 22.38
N PRO A 179 -0.82 4.48 23.44
CA PRO A 179 -1.86 5.31 24.02
C PRO A 179 -1.57 6.25 25.21
N LEU A 180 -0.49 6.06 25.96
CA LEU A 180 -0.25 6.94 27.11
C LEU A 180 -0.20 8.41 26.73
N GLY A 181 0.48 8.72 25.64
CA GLY A 181 0.59 10.12 25.22
C GLY A 181 1.92 10.68 25.76
N LYS A 182 2.81 9.75 26.13
CA LYS A 182 4.11 10.09 26.64
C LYS A 182 5.07 10.69 25.59
N VAL A 183 5.63 11.82 25.94
CA VAL A 183 6.73 12.43 25.21
C VAL A 183 8.10 12.08 25.83
N TYR A 184 8.81 11.12 25.27
CA TYR A 184 10.12 10.73 25.81
C TYR A 184 11.09 11.87 26.03
N THR A 185 11.93 11.83 27.07
CA THR A 185 12.87 12.94 27.33
C THR A 185 14.18 12.64 26.68
N ARG A 186 15.04 13.66 26.62
CA ARG A 186 16.45 13.47 26.10
C ARG A 186 17.15 12.30 26.87
N GLN A 187 17.02 12.27 28.20
CA GLN A 187 17.53 11.17 29.03
C GLN A 187 16.99 9.81 28.68
N GLU A 188 15.67 9.67 28.67
CA GLU A 188 15.09 8.40 28.31
C GLU A 188 15.64 7.99 26.91
N LEU A 189 15.63 8.90 25.92
CA LEU A 189 16.14 8.49 24.56
C LEU A 189 17.70 8.21 24.56
N GLN A 190 18.40 8.92 25.47
CA GLN A 190 19.84 8.68 25.72
C GLN A 190 20.16 7.25 26.21
N VAL A 191 19.22 6.59 26.88
CA VAL A 191 19.46 5.30 27.49
C VAL A 191 19.24 4.33 26.36
N ILE A 192 18.17 4.51 25.61
CA ILE A 192 17.88 3.59 24.48
C ILE A 192 19.05 3.70 23.43
N ALA A 193 19.56 4.92 23.23
CA ALA A 193 20.60 5.18 22.29
C ALA A 193 21.83 4.40 22.75
N ASP A 194 22.27 4.63 24.01
CA ASP A 194 23.45 3.94 24.64
C ASP A 194 23.44 2.44 24.40
N LEU A 195 22.27 1.84 24.63
CA LEU A 195 22.14 0.44 24.45
C LEU A 195 22.28 -0.02 22.98
N CYS A 196 21.62 0.67 22.04
CA CYS A 196 21.68 0.30 20.63
C CYS A 196 23.08 0.38 20.09
N VAL A 197 23.81 1.43 20.46
CA VAL A 197 25.21 1.44 20.07
C VAL A 197 26.12 0.46 20.77
N LYS A 198 25.76 0.03 21.95
CA LYS A 198 26.52 -1.00 22.64
C LYS A 198 26.28 -2.37 22.03
N HIS A 199 25.04 -2.68 21.68
CA HIS A 199 24.73 -3.98 21.09
C HIS A 199 24.73 -4.06 19.56
N ASP A 200 24.99 -2.90 18.95
CA ASP A 200 24.94 -2.71 17.52
C ASP A 200 23.58 -3.18 17.04
N THR A 201 22.54 -2.44 17.41
CA THR A 201 21.22 -2.81 17.05
C THR A 201 20.60 -1.56 16.46
N LEU A 202 19.47 -1.76 15.77
CA LEU A 202 18.71 -0.72 15.13
C LEU A 202 17.60 -0.20 16.01
N CYS A 203 17.07 0.96 15.65
CA CYS A 203 16.03 1.61 16.36
C CYS A 203 15.04 2.11 15.33
N ILE A 204 13.82 1.58 15.37
CA ILE A 204 12.76 2.05 14.51
C ILE A 204 11.92 2.99 15.35
N SER A 205 11.70 4.23 14.91
CA SER A 205 11.08 5.20 15.73
C SER A 205 9.80 5.73 15.06
N ASP A 206 8.63 5.38 15.64
CA ASP A 206 7.31 5.85 15.20
C ASP A 206 6.98 7.20 15.76
N GLU A 207 7.04 8.25 14.93
CA GLU A 207 7.00 9.63 15.41
C GLU A 207 5.96 10.48 14.66
N VAL A 208 4.92 9.81 14.17
CA VAL A 208 3.78 10.41 13.50
C VAL A 208 3.12 11.51 14.28
N TYR A 209 3.13 11.43 15.59
CA TYR A 209 2.56 12.50 16.35
C TYR A 209 3.61 13.57 16.68
N GLU A 210 4.81 13.54 16.06
CA GLU A 210 5.82 14.64 16.25
C GLU A 210 5.26 16.07 16.52
N TRP A 211 4.24 16.52 15.83
CA TRP A 211 3.82 17.91 16.00
C TRP A 211 2.89 18.16 17.15
N LEU A 212 2.33 17.08 17.72
CA LEU A 212 1.35 17.21 18.79
C LEU A 212 2.01 17.07 20.15
N VAL A 213 2.85 18.06 20.51
CA VAL A 213 3.39 18.14 21.88
C VAL A 213 2.86 19.41 22.63
N TYR A 214 2.61 19.34 23.95
CA TYR A 214 1.92 20.45 24.60
C TYR A 214 2.83 21.21 25.50
N THR A 215 2.37 22.30 26.10
CA THR A 215 3.37 23.18 26.74
C THR A 215 4.15 22.51 27.84
N GLY A 216 5.40 22.90 28.02
CA GLY A 216 6.31 22.17 28.86
C GLY A 216 7.05 21.00 28.26
N HIS A 217 6.63 20.47 27.08
CA HIS A 217 7.33 19.33 26.45
C HIS A 217 7.93 19.58 25.07
N THR A 218 8.83 18.71 24.61
CA THR A 218 9.52 18.95 23.33
C THR A 218 9.77 17.67 22.66
N HIS A 219 9.28 17.51 21.42
CA HIS A 219 9.68 16.38 20.61
C HIS A 219 11.16 16.39 20.37
N VAL A 220 11.85 15.39 20.88
CA VAL A 220 13.27 15.21 20.60
C VAL A 220 13.29 13.98 19.74
N LYS A 221 14.21 13.92 18.78
CA LYS A 221 14.26 12.87 17.80
C LYS A 221 15.48 12.02 18.02
N ILE A 222 15.33 10.77 18.44
CA ILE A 222 16.48 9.93 18.76
C ILE A 222 17.54 9.87 17.66
N ALA A 223 17.10 9.81 16.41
CA ALA A 223 17.98 9.73 15.24
C ALA A 223 19.00 10.89 15.28
N THR A 224 18.71 11.95 16.03
CA THR A 224 19.68 13.02 16.11
C THR A 224 20.68 12.96 17.27
N LEU A 225 20.77 11.88 18.02
CA LEU A 225 21.66 11.84 19.20
C LEU A 225 22.98 11.31 18.69
N PRO A 226 24.09 11.40 19.45
CA PRO A 226 25.30 10.87 18.82
C PRO A 226 25.11 9.41 18.55
N GLY A 227 25.68 8.92 17.44
CA GLY A 227 25.70 7.53 17.10
C GLY A 227 24.47 6.95 16.44
N MET A 228 23.38 7.72 16.31
CA MET A 228 22.14 7.06 15.90
C MET A 228 21.68 7.27 14.41
N TRP A 229 22.18 8.29 13.70
CA TRP A 229 21.85 8.42 12.28
C TRP A 229 22.08 7.08 11.57
N GLU A 230 23.23 6.49 11.82
CA GLU A 230 23.69 5.27 11.14
C GLU A 230 22.70 4.17 11.30
N ARG A 231 21.91 4.23 12.36
CA ARG A 231 21.18 3.06 12.77
C ARG A 231 19.69 3.20 13.05
N THR A 232 19.06 4.29 12.61
CA THR A 232 17.69 4.57 12.98
C THR A 232 16.78 4.84 11.77
N ILE A 233 15.54 4.41 11.88
CA ILE A 233 14.64 4.67 10.86
C ILE A 233 13.55 5.39 11.55
N THR A 234 13.34 6.64 11.17
CA THR A 234 12.32 7.48 11.77
C THR A 234 11.11 7.69 10.88
N ILE A 235 9.94 7.28 11.38
CA ILE A 235 8.69 7.31 10.60
C ILE A 235 7.80 8.46 10.96
N GLY A 236 6.90 8.82 10.04
CA GLY A 236 6.14 10.06 10.09
C GLY A 236 5.04 9.85 9.09
N SER A 237 3.90 10.57 9.26
CA SER A 237 2.66 10.30 8.54
C SER A 237 1.86 11.50 8.07
N ALA A 238 1.26 11.38 6.90
CA ALA A 238 0.42 12.43 6.39
C ALA A 238 -0.90 12.58 7.16
N GLY A 239 -1.51 11.46 7.61
CA GLY A 239 -2.83 11.52 8.33
C GLY A 239 -2.66 12.42 9.56
N1 LLP A 240 1.61 4.46 14.43
C2 LLP A 240 0.95 5.06 15.53
C2' LLP A 240 1.75 5.17 16.80
C3 LLP A 240 -0.40 5.51 15.32
O3 LLP A 240 -1.09 6.09 16.16
C4 LLP A 240 -1.01 5.29 14.05
C4' LLP A 240 -2.43 5.86 13.88
C5 LLP A 240 -0.28 4.65 12.98
C6 LLP A 240 1.03 4.23 13.17
C5' LLP A 240 -0.85 4.42 11.62
OP4 LLP A 240 -0.40 5.31 10.57
P LLP A 240 -1.09 5.51 9.14
OP1 LLP A 240 -2.54 5.80 9.35
OP2 LLP A 240 -0.85 4.29 8.40
OP3 LLP A 240 -0.20 6.64 8.70
N LLP A 240 -1.55 12.24 10.27
CA LLP A 240 -1.33 12.96 11.50
CB LLP A 240 -0.40 12.17 12.43
CG LLP A 240 -1.09 10.90 13.08
CD LLP A 240 -1.61 9.61 12.19
CE LLP A 240 -1.59 8.22 13.04
NZ LLP A 240 -2.52 6.89 12.89
C LLP A 240 -0.88 14.39 11.22
O LLP A 240 -1.41 15.36 11.79
N THR A 241 0.05 14.57 10.30
CA THR A 241 0.47 15.97 10.03
C THR A 241 -0.65 16.83 9.53
N PHE A 242 -1.41 16.37 8.56
CA PHE A 242 -2.42 17.23 8.03
C PHE A 242 -3.87 16.87 8.42
N SER A 243 -4.10 15.97 9.37
CA SER A 243 -5.45 15.60 9.80
C SER A 243 -6.23 15.06 8.61
N VAL A 244 -5.54 14.25 7.85
CA VAL A 244 -6.09 13.77 6.65
C VAL A 244 -5.78 12.28 6.67
N THR A 245 -6.48 11.58 7.57
CA THR A 245 -6.08 10.18 7.92
C THR A 245 -6.42 9.31 6.76
N GLY A 246 -7.42 9.73 5.97
CA GLY A 246 -7.90 8.97 4.83
C GLY A 246 -6.97 8.96 3.62
N TRP A 247 -5.86 9.66 3.73
CA TRP A 247 -4.90 9.74 2.66
C TRP A 247 -4.02 8.56 2.74
N LYS A 248 -3.72 8.09 3.96
CA LYS A 248 -2.76 7.00 4.14
C LYS A 248 -1.43 7.03 3.37
N LEU A 249 -0.72 8.16 3.49
CA LEU A 249 0.69 8.31 3.10
C LEU A 249 1.70 8.52 4.28
N GLY A 250 2.78 7.76 4.36
CA GLY A 250 3.79 8.11 5.35
C GLY A 250 5.20 7.98 4.82
N TRP A 251 6.20 8.38 5.60
CA TRP A 251 7.57 8.33 5.15
C TRP A 251 8.43 7.65 6.21
N SER A 252 9.63 7.22 5.83
CA SER A 252 10.65 6.83 6.79
C SER A 252 11.99 7.48 6.47
N ILE A 253 12.46 8.33 7.38
CA ILE A 253 13.72 9.04 7.18
C ILE A 253 14.84 8.39 7.99
N GLY A 254 16.05 8.37 7.43
CA GLY A 254 17.05 7.41 7.82
C GLY A 254 18.13 7.23 6.76
N PRO A 255 19.19 6.50 7.12
CA PRO A 255 20.44 6.53 6.35
C PRO A 255 20.34 5.66 5.10
N ALA A 256 21.15 5.98 4.09
CA ALA A 256 20.91 5.49 2.74
C ALA A 256 21.06 3.98 2.66
N HIS A 257 21.83 3.41 3.59
CA HIS A 257 22.21 2.01 3.52
C HIS A 257 21.19 1.13 4.24
N LEU A 258 20.59 1.68 5.29
CA LEU A 258 19.38 1.10 5.86
C LEU A 258 18.17 1.36 4.96
N ILE A 259 18.15 2.52 4.31
CA ILE A 259 16.97 2.99 3.61
C ILE A 259 16.74 2.19 2.32
N LYS A 260 17.83 1.80 1.67
CA LYS A 260 17.74 1.03 0.43
C LYS A 260 17.03 -0.27 0.63
N HIS A 261 17.19 -0.86 1.80
CA HIS A 261 16.51 -2.11 2.07
C HIS A 261 14.97 -1.93 2.16
N LEU A 262 14.51 -0.81 2.74
CA LEU A 262 13.09 -0.54 2.75
C LEU A 262 12.55 -0.37 1.38
N GLN A 263 13.33 0.14 0.44
CA GLN A 263 12.81 0.21 -0.94
C GLN A 263 12.88 -1.16 -1.63
N THR A 264 13.86 -2.02 -1.32
CA THR A 264 13.73 -3.32 -1.96
C THR A 264 12.35 -3.93 -1.65
N VAL A 265 11.89 -3.84 -0.38
CA VAL A 265 10.54 -4.32 0.00
C VAL A 265 9.41 -3.66 -0.81
N GLN A 266 9.38 -2.35 -0.78
CA GLN A 266 8.31 -1.68 -1.44
C GLN A 266 8.12 -1.93 -2.93
N GLN A 267 9.22 -1.87 -3.67
CA GLN A 267 9.20 -2.18 -5.08
C GLN A 267 8.72 -3.57 -5.41
N ASN A 268 8.77 -4.46 -4.43
CA ASN A 268 8.30 -5.82 -4.61
C ASN A 268 6.97 -6.07 -3.94
N SER A 269 6.32 -5.02 -3.44
CA SER A 269 5.00 -5.22 -2.76
C SER A 269 3.90 -4.44 -3.49
N PHE A 270 3.71 -3.18 -3.15
CA PHE A 270 2.85 -2.35 -3.94
C PHE A 270 3.52 -1.40 -4.91
N TYR A 271 4.78 -1.08 -4.66
CA TYR A 271 5.52 -0.17 -5.53
C TYR A 271 5.12 1.29 -5.36
N THR A 272 4.45 1.87 -6.33
CA THR A 272 4.00 3.25 -6.25
C THR A 272 3.02 3.56 -5.13
N CYS A 273 2.86 4.83 -4.80
CA CYS A 273 1.76 5.25 -4.00
C CYS A 273 1.10 6.20 -4.91
N ALA A 274 -0.08 6.67 -4.53
CA ALA A 274 -0.97 7.37 -5.45
C ALA A 274 -0.35 8.71 -5.78
N THR A 275 -0.62 9.20 -6.96
CA THR A 275 0.00 10.43 -7.36
C THR A 275 -0.73 11.69 -6.90
N PRO A 276 -2.03 11.82 -7.17
CA PRO A 276 -2.73 13.06 -6.78
C PRO A 276 -2.57 13.39 -5.29
N LEU A 277 -2.59 12.38 -4.42
CA LEU A 277 -2.43 12.62 -2.97
C LEU A 277 -1.09 13.20 -2.71
N GLN A 278 -0.01 12.62 -3.27
CA GLN A 278 1.37 13.14 -3.02
C GLN A 278 1.56 14.50 -3.68
N ALA A 279 1.12 14.65 -4.93
CA ALA A 279 1.02 15.97 -5.56
C ALA A 279 0.44 17.02 -4.63
N ALA A 280 -0.72 16.71 -4.08
CA ALA A 280 -1.36 17.61 -3.21
C ALA A 280 -0.59 17.74 -1.89
N LEU A 281 -0.12 16.68 -1.23
CA LEU A 281 0.55 16.88 0.04
C LEU A 281 1.82 17.76 -0.13
N ALA A 282 2.54 17.53 -1.25
CA ALA A 282 3.76 18.23 -1.56
C ALA A 282 3.58 19.72 -1.33
N GLU A 283 2.35 20.17 -1.53
CA GLU A 283 2.02 21.54 -1.84
C GLU A 283 1.54 22.17 -0.58
N ALA A 284 0.72 21.40 0.14
CA ALA A 284 0.45 21.65 1.54
C ALA A 284 1.79 21.80 2.36
N PHE A 285 2.71 20.82 2.28
CA PHE A 285 3.99 20.99 2.91
C PHE A 285 4.66 22.34 2.54
N TRP A 286 4.54 22.79 1.26
CA TRP A 286 5.19 24.10 0.94
C TRP A 286 4.47 25.22 1.67
N ILE A 287 3.14 25.18 1.64
CA ILE A 287 2.42 26.25 2.29
C ILE A 287 2.86 26.36 3.78
N ASP A 288 3.07 25.22 4.46
CA ASP A 288 3.52 25.31 5.86
C ASP A 288 5.03 25.33 6.08
N ILE A 289 5.85 24.72 5.18
CA ILE A 289 7.27 24.95 5.36
C ILE A 289 7.58 26.48 5.34
N LYS A 290 7.09 27.20 4.36
CA LYS A 290 7.44 28.62 4.27
C LYS A 290 6.78 29.46 5.35
N ARG A 291 6.27 28.89 6.43
CA ARG A 291 5.76 29.76 7.46
C ARG A 291 6.00 29.26 8.88
N MET A 292 6.97 28.36 8.98
CA MET A 292 7.19 27.60 10.20
C MET A 292 7.20 28.41 11.46
N ASP A 293 7.77 29.61 11.33
CA ASP A 293 7.82 30.57 12.42
C ASP A 293 6.47 31.18 12.84
N ASP A 294 5.37 30.96 12.13
CA ASP A 294 4.13 31.57 12.58
C ASP A 294 3.14 30.76 13.35
N PRO A 295 2.39 31.47 14.23
CA PRO A 295 1.19 30.88 14.84
C PRO A 295 0.30 30.21 13.79
N GLU A 296 0.32 30.66 12.54
CA GLU A 296 -0.70 30.20 11.61
C GLU A 296 -0.34 28.89 10.86
N CYS A 297 0.96 28.58 10.86
CA CYS A 297 1.50 27.33 10.36
C CYS A 297 0.75 26.18 11.01
N TYR A 298 0.34 25.17 10.25
CA TYR A 298 -0.50 24.10 10.84
C TYR A 298 0.22 23.28 11.90
N PHE A 299 1.52 23.15 11.74
CA PHE A 299 2.40 22.52 12.72
C PHE A 299 2.27 23.23 14.05
N ASN A 300 2.02 24.55 14.02
CA ASN A 300 1.80 25.23 15.30
C ASN A 300 0.35 25.27 15.79
N SER A 301 -0.59 25.63 14.94
CA SER A 301 -1.91 25.86 15.49
C SER A 301 -2.63 24.59 15.86
N LEU A 302 -2.29 23.47 15.22
CA LEU A 302 -2.98 22.22 15.54
C LEU A 302 -2.69 21.85 17.00
N PRO A 303 -1.39 21.79 17.43
CA PRO A 303 -1.28 21.52 18.91
C PRO A 303 -1.98 22.62 19.71
N LYS A 304 -1.85 23.89 19.34
CA LYS A 304 -2.40 24.93 20.17
C LYS A 304 -3.91 24.63 20.37
N GLU A 305 -4.63 24.37 19.29
CA GLU A 305 -6.00 23.91 19.37
C GLU A 305 -6.16 22.82 20.43
N LEU A 306 -5.51 21.69 20.19
CA LEU A 306 -5.80 20.47 20.94
C LEU A 306 -5.42 20.53 22.41
N GLU A 307 -4.37 21.30 22.75
CA GLU A 307 -4.08 21.62 24.15
C GLU A 307 -5.38 22.11 24.82
N VAL A 308 -6.15 22.93 24.10
CA VAL A 308 -7.39 23.36 24.70
C VAL A 308 -8.38 22.18 24.94
N LYS A 309 -8.53 21.38 23.89
CA LYS A 309 -9.52 20.31 23.86
C LYS A 309 -9.08 19.25 24.86
N ARG A 310 -7.77 19.10 25.05
CA ARG A 310 -7.26 18.04 25.92
C ARG A 310 -7.71 18.41 27.30
N ASP A 311 -7.51 19.69 27.63
CA ASP A 311 -7.80 20.24 28.95
C ASP A 311 -9.29 20.15 29.31
N ARG A 312 -10.13 20.47 28.33
CA ARG A 312 -11.58 20.14 28.41
C ARG A 312 -11.88 18.68 28.81
N MET A 313 -11.23 17.73 28.14
CA MET A 313 -11.23 16.35 28.54
C MET A 313 -10.65 15.92 29.89
N VAL A 314 -9.48 16.36 30.30
CA VAL A 314 -9.13 16.11 31.71
C VAL A 314 -10.37 16.43 32.61
N ARG A 315 -10.96 17.62 32.43
CA ARG A 315 -12.07 18.01 33.25
C ARG A 315 -13.29 17.05 33.19
N LEU A 316 -13.78 16.74 31.98
CA LEU A 316 -14.96 15.85 31.91
C LEU A 316 -14.73 14.51 32.59
N LEU A 317 -13.60 13.87 32.30
CA LEU A 317 -13.32 12.61 32.95
C LEU A 317 -13.28 12.73 34.50
N ASN A 318 -12.59 13.78 35.02
CA ASN A 318 -12.54 14.04 36.46
C ASN A 318 -13.96 14.24 36.98
N SER A 319 -14.82 14.82 36.16
CA SER A 319 -16.19 15.06 36.56
C SER A 319 -16.85 13.78 37.10
N VAL A 320 -16.84 12.70 36.33
CA VAL A 320 -17.60 11.52 36.65
C VAL A 320 -16.69 10.58 37.47
N GLY A 321 -15.58 11.06 38.02
CA GLY A 321 -14.79 10.19 38.85
C GLY A 321 -13.68 9.42 38.12
N LEU A 322 -13.63 9.52 36.79
CA LEU A 322 -12.58 8.86 35.98
C LEU A 322 -11.21 9.54 36.27
N LYS A 323 -10.13 8.78 36.46
CA LYS A 323 -8.86 9.41 36.85
C LYS A 323 -7.99 9.63 35.55
N PRO A 324 -8.03 10.81 34.95
CA PRO A 324 -7.27 10.93 33.71
C PRO A 324 -5.78 10.97 33.91
N ILE A 325 -5.03 10.38 33.01
CA ILE A 325 -3.63 10.72 32.83
C ILE A 325 -3.44 11.76 31.75
N VAL A 326 -3.09 12.98 32.13
CA VAL A 326 -2.97 13.99 31.12
C VAL A 326 -1.71 13.90 30.27
N PRO A 327 -1.89 13.73 28.95
CA PRO A 327 -0.83 13.36 28.06
C PRO A 327 0.11 14.57 27.72
N ASP A 328 1.43 14.33 27.67
CA ASP A 328 2.37 15.31 27.13
C ASP A 328 2.10 15.58 25.62
N GLY A 329 1.67 14.58 24.87
CA GLY A 329 1.49 14.79 23.46
C GLY A 329 0.49 13.85 22.95
N GLY A 330 0.30 13.79 21.64
CA GLY A 330 -0.73 12.97 20.98
C GLY A 330 -2.12 13.48 21.15
N TYR A 331 -3.10 12.75 20.67
CA TYR A 331 -4.47 13.17 20.97
C TYR A 331 -5.31 12.08 21.56
N PHE A 332 -4.67 11.24 22.35
CA PHE A 332 -5.41 10.31 23.17
C PHE A 332 -5.26 10.66 24.65
N ILE A 333 -6.34 10.51 25.39
CA ILE A 333 -6.27 10.51 26.82
C ILE A 333 -6.66 9.21 27.45
N ILE A 334 -5.77 8.71 28.29
CA ILE A 334 -6.03 7.50 29.11
C ILE A 334 -6.64 7.84 30.47
N ALA A 335 -7.74 7.19 30.87
CA ALA A 335 -8.33 7.36 32.27
C ALA A 335 -8.43 6.07 33.01
N ASP A 336 -8.08 6.10 34.30
CA ASP A 336 -8.33 4.92 35.14
C ASP A 336 -9.81 4.85 35.49
N VAL A 337 -10.36 3.65 35.50
CA VAL A 337 -11.79 3.50 35.80
C VAL A 337 -12.09 2.66 37.05
N SER A 338 -11.11 1.95 37.56
CA SER A 338 -11.29 1.08 38.72
C SER A 338 -12.15 1.73 39.82
N SER A 339 -11.93 3.01 40.11
CA SER A 339 -12.78 3.66 41.11
C SER A 339 -14.20 4.02 40.56
N LEU A 340 -14.97 3.04 40.15
CA LEU A 340 -16.37 3.24 39.88
C LEU A 340 -17.05 1.95 40.35
N GLY A 341 -16.27 0.87 40.37
CA GLY A 341 -16.80 -0.47 40.59
C GLY A 341 -18.02 -0.72 39.71
N ALA A 342 -17.86 -0.49 38.40
CA ALA A 342 -18.99 -0.51 37.48
C ALA A 342 -19.80 -1.80 37.62
N ASP A 343 -21.03 -1.77 37.11
CA ASP A 343 -21.93 -2.90 37.26
C ASP A 343 -21.95 -3.77 36.00
N LEU A 344 -20.76 -4.05 35.47
CA LEU A 344 -20.31 -5.42 35.29
C LEU A 344 -20.22 -6.14 36.64
N SER A 345 -21.12 -7.09 36.85
CA SER A 345 -20.74 -8.41 37.33
C SER A 345 -21.00 -9.48 36.27
N ASP A 346 -21.91 -9.17 35.34
CA ASP A 346 -22.68 -10.21 34.68
C ASP A 346 -22.80 -9.93 33.18
N MET A 347 -21.73 -9.39 32.60
CA MET A 347 -21.07 -10.03 31.47
C MET A 347 -20.08 -11.10 31.93
N ASN A 348 -20.35 -12.35 31.57
CA ASN A 348 -19.61 -13.49 32.13
C ASN A 348 -18.45 -14.02 31.23
N SER A 349 -18.03 -13.25 30.24
CA SER A 349 -16.87 -13.63 29.42
C SER A 349 -15.50 -13.66 30.17
N ASP A 350 -14.49 -14.24 29.51
CA ASP A 350 -13.06 -14.19 29.94
C ASP A 350 -12.26 -12.98 29.39
N GLU A 351 -12.95 -12.01 28.79
CA GLU A 351 -12.40 -10.67 28.42
C GLU A 351 -11.68 -9.97 29.58
N PRO A 352 -10.67 -9.12 29.28
CA PRO A 352 -10.16 -8.22 30.37
C PRO A 352 -11.22 -7.23 30.83
N TYR A 353 -11.10 -6.79 32.06
CA TYR A 353 -11.96 -5.74 32.67
C TYR A 353 -12.35 -4.59 31.73
N ASP A 354 -11.37 -3.99 31.08
CA ASP A 354 -11.63 -2.85 30.22
C ASP A 354 -12.47 -3.08 28.97
N TYR A 355 -12.34 -4.22 28.32
CA TYR A 355 -13.37 -4.52 27.27
C TYR A 355 -14.83 -4.51 27.82
N LYS A 356 -15.05 -5.25 28.91
CA LYS A 356 -16.29 -5.19 29.63
C LYS A 356 -16.69 -3.75 30.00
N PHE A 357 -15.81 -3.02 30.65
CA PHE A 357 -16.18 -1.62 30.88
C PHE A 357 -16.66 -0.81 29.62
N VAL A 358 -15.94 -0.91 28.50
CA VAL A 358 -16.31 -0.13 27.30
C VAL A 358 -17.63 -0.59 26.73
N LYS A 359 -17.86 -1.91 26.72
CA LYS A 359 -19.16 -2.47 26.38
C LYS A 359 -20.31 -1.84 27.24
N TRP A 360 -20.13 -1.93 28.53
CA TRP A 360 -21.07 -1.36 29.44
C TRP A 360 -21.32 0.08 29.19
N MET A 361 -20.26 0.89 29.06
CA MET A 361 -20.34 2.31 28.82
C MET A 361 -21.04 2.66 27.51
N THR A 362 -20.95 1.78 26.54
CA THR A 362 -21.56 1.95 25.23
C THR A 362 -23.09 1.76 25.32
N LYS A 363 -23.51 0.67 25.94
CA LYS A 363 -24.94 0.37 26.05
C LYS A 363 -25.65 1.37 26.97
N HIS A 364 -25.08 1.58 28.14
CA HIS A 364 -25.71 2.38 29.14
C HIS A 364 -25.48 3.87 28.98
N LYS A 365 -24.25 4.27 28.66
CA LYS A 365 -23.87 5.68 28.75
C LYS A 365 -23.84 6.30 27.39
N LYS A 366 -23.78 5.47 26.35
CA LYS A 366 -23.86 5.98 24.98
C LYS A 366 -22.56 6.52 24.39
N LEU A 367 -21.44 6.21 25.03
CA LEU A 367 -20.17 6.69 24.65
C LEU A 367 -19.19 5.52 24.43
N THR A 368 -18.53 5.40 23.26
CA THR A 368 -17.44 4.40 23.15
C THR A 368 -16.04 4.95 23.43
N ALA A 369 -15.14 4.05 23.77
CA ALA A 369 -13.76 4.33 24.01
C ALA A 369 -12.93 3.05 23.76
N ILE A 370 -11.62 3.11 23.80
CA ILE A 370 -10.80 1.92 23.55
C ILE A 370 -10.11 1.42 24.79
N PRO A 371 -10.25 0.12 25.10
CA PRO A 371 -9.52 -0.48 26.22
C PRO A 371 -8.01 -0.50 25.98
N VAL A 372 -7.22 -0.26 27.01
CA VAL A 372 -5.82 -0.12 26.80
C VAL A 372 -5.24 -1.53 26.70
N SER A 373 -5.97 -2.54 27.16
CA SER A 373 -5.38 -3.83 27.07
C SER A 373 -5.27 -4.31 25.59
N ALA A 374 -5.78 -3.51 24.67
CA ALA A 374 -5.66 -3.86 23.29
C ALA A 374 -4.23 -3.50 22.89
N PHE A 375 -3.51 -2.81 23.75
CA PHE A 375 -2.19 -2.39 23.38
C PHE A 375 -1.12 -3.15 24.21
N CYS A 376 -1.48 -4.36 24.61
CA CYS A 376 -0.76 -5.15 25.57
C CYS A 376 -0.72 -6.60 25.16
N ASP A 377 0.46 -7.20 25.33
CA ASP A 377 0.66 -8.65 25.16
C ASP A 377 0.05 -9.32 26.35
N SER A 378 -0.34 -10.60 26.20
CA SER A 378 -0.89 -11.46 27.28
C SER A 378 -0.35 -11.23 28.65
N LYS A 379 0.92 -11.50 28.89
CA LYS A 379 1.41 -11.29 30.24
C LYS A 379 1.18 -9.88 30.85
N SER A 380 0.90 -8.86 30.04
CA SER A 380 0.89 -7.48 30.53
C SER A 380 -0.51 -6.97 30.79
N LYS A 381 -1.50 -7.69 30.25
CA LYS A 381 -2.89 -7.21 30.29
C LYS A 381 -3.31 -6.86 31.72
N PRO A 382 -3.11 -7.82 32.67
CA PRO A 382 -3.62 -7.58 34.05
C PRO A 382 -3.05 -6.29 34.71
N HIS A 383 -1.83 -5.89 34.38
CA HIS A 383 -1.27 -4.63 34.95
C HIS A 383 -1.72 -3.37 34.27
N PHE A 384 -2.62 -3.57 33.25
CA PHE A 384 -3.19 -2.49 32.44
C PHE A 384 -4.68 -2.55 32.15
N GLU A 385 -5.40 -3.57 32.62
CA GLU A 385 -6.79 -3.72 32.25
C GLU A 385 -7.80 -2.83 32.95
N LYS A 386 -7.34 -2.02 33.89
CA LYS A 386 -8.31 -1.01 34.37
C LYS A 386 -8.33 0.37 33.62
N LEU A 387 -7.50 0.49 32.58
CA LEU A 387 -7.28 1.74 31.87
C LEU A 387 -8.07 1.83 30.59
N VAL A 388 -8.49 3.02 30.21
CA VAL A 388 -9.36 3.15 29.03
C VAL A 388 -9.04 4.45 28.31
N ARG A 389 -8.99 4.40 26.96
CA ARG A 389 -8.32 5.47 26.19
C ARG A 389 -9.42 6.14 25.45
N PHE A 390 -9.36 7.48 25.37
CA PHE A 390 -10.36 8.31 24.72
C PHE A 390 -9.63 9.26 23.75
N CYS A 391 -10.29 9.64 22.66
CA CYS A 391 -9.68 10.47 21.63
C CYS A 391 -10.31 11.85 21.65
N PHE A 392 -9.51 12.91 21.45
CA PHE A 392 -10.07 14.26 21.46
C PHE A 392 -9.77 15.12 20.24
N ILE A 393 -9.30 14.53 19.15
CA ILE A 393 -9.28 15.19 17.86
C ILE A 393 -10.66 15.40 17.36
N LYS A 394 -11.51 15.98 18.20
CA LYS A 394 -12.94 16.14 17.80
C LYS A 394 -13.30 17.63 17.74
N LYS A 395 -14.35 17.95 16.99
CA LYS A 395 -14.81 19.32 16.93
C LYS A 395 -15.62 19.65 18.20
N ASP A 396 -15.92 20.94 18.47
CA ASP A 396 -16.72 21.31 19.65
C ASP A 396 -18.04 20.55 19.76
N SER A 397 -18.76 20.49 18.64
CA SER A 397 -20.08 19.98 18.66
C SER A 397 -20.00 18.56 19.25
N THR A 398 -18.93 17.81 18.90
CA THR A 398 -18.80 16.46 19.32
C THR A 398 -18.47 16.45 20.79
N LEU A 399 -17.52 17.28 21.21
CA LEU A 399 -17.20 17.35 22.65
C LEU A 399 -18.38 17.75 23.52
N ASP A 400 -19.23 18.65 23.01
CA ASP A 400 -20.54 18.94 23.61
C ASP A 400 -21.38 17.68 23.95
N ALA A 401 -21.71 16.91 22.91
CA ALA A 401 -22.45 15.66 23.07
C ALA A 401 -21.80 14.75 24.13
N ALA A 402 -20.48 14.73 24.15
CA ALA A 402 -19.81 13.98 25.19
C ALA A 402 -20.07 14.67 26.53
N GLU A 403 -20.03 16.02 26.54
CA GLU A 403 -20.34 16.79 27.78
C GLU A 403 -21.75 16.48 28.35
N GLU A 404 -22.78 16.50 27.50
CA GLU A 404 -24.04 16.11 28.07
C GLU A 404 -23.94 14.73 28.71
N ILE A 405 -23.42 13.74 27.97
CA ILE A 405 -23.32 12.35 28.50
C ILE A 405 -22.71 12.29 29.90
N PHE A 406 -21.60 13.00 30.11
CA PHE A 406 -20.97 13.00 31.42
C PHE A 406 -21.82 13.72 32.43
N ARG A 407 -22.51 14.79 32.01
CA ARG A 407 -23.26 15.63 32.97
C ARG A 407 -24.47 14.94 33.51
N ALA A 408 -25.06 14.01 32.73
CA ALA A 408 -26.16 13.14 33.17
C ALA A 408 -25.70 11.79 33.64
N TRP A 409 -24.43 11.66 34.01
CA TRP A 409 -23.95 10.32 34.33
C TRP A 409 -24.58 9.82 35.65
N ASN A 410 -24.71 10.69 36.64
CA ASN A 410 -25.38 10.34 37.91
C ASN A 410 -26.40 11.36 38.37
N ASN B 1 20.46 -5.78 5.25
CA ASN B 1 19.30 -6.28 4.46
C ASN B 1 18.82 -7.66 4.86
N ALA B 2 17.52 -7.89 4.81
CA ALA B 2 17.00 -9.16 5.36
C ALA B 2 17.04 -10.29 4.33
N LYS B 3 17.45 -11.47 4.78
CA LYS B 3 17.59 -12.64 3.95
C LYS B 3 16.54 -12.76 2.88
N ARG B 4 15.28 -12.75 3.30
CA ARG B 4 14.10 -12.83 2.34
C ARG B 4 14.18 -11.81 1.16
N ILE B 5 14.91 -10.72 1.28
CA ILE B 5 15.04 -9.86 0.10
C ILE B 5 16.36 -9.93 -0.63
N GLU B 6 17.19 -10.87 -0.21
CA GLU B 6 18.48 -11.14 -0.83
C GLU B 6 18.40 -11.30 -2.35
N GLY B 7 19.12 -10.41 -3.07
CA GLY B 7 19.18 -10.46 -4.50
C GLY B 7 17.86 -10.14 -5.15
N LEU B 8 16.93 -9.60 -4.37
CA LEU B 8 15.74 -8.93 -4.97
C LEU B 8 15.85 -7.43 -5.16
N ASP B 9 17.06 -6.87 -5.10
CA ASP B 9 17.18 -5.43 -5.17
C ASP B 9 17.23 -4.84 -6.53
N SER B 10 17.70 -5.60 -7.51
CA SER B 10 17.48 -5.19 -8.91
C SER B 10 16.01 -5.31 -9.29
N ASN B 11 15.40 -4.18 -9.57
CA ASN B 11 14.15 -4.10 -10.22
C ASN B 11 14.39 -3.54 -11.62
N VAL B 12 13.65 -4.13 -12.54
CA VAL B 12 13.83 -3.86 -13.97
C VAL B 12 13.53 -2.38 -14.44
N TRP B 13 12.44 -1.84 -13.91
CA TRP B 13 11.97 -0.42 -14.15
C TRP B 13 12.78 0.71 -13.46
N VAL B 14 13.33 0.42 -12.27
CA VAL B 14 14.35 1.27 -11.63
C VAL B 14 15.53 1.46 -12.62
N GLU B 15 15.99 0.34 -13.18
CA GLU B 15 17.01 0.31 -14.24
C GLU B 15 16.67 1.18 -15.50
N PHE B 16 15.38 1.29 -15.89
CA PHE B 16 14.97 2.20 -17.00
C PHE B 16 14.89 3.71 -16.60
N THR B 17 15.57 4.04 -15.50
CA THR B 17 16.13 5.36 -15.31
C THR B 17 17.27 5.63 -16.28
N LYS B 18 17.38 4.78 -17.31
CA LYS B 18 18.15 5.11 -18.50
C LYS B 18 17.34 5.98 -19.45
N LEU B 19 17.88 6.20 -20.64
CA LEU B 19 17.43 7.29 -21.51
C LEU B 19 15.95 6.92 -21.44
N ALA B 20 15.17 7.77 -20.77
CA ALA B 20 13.80 8.05 -21.20
C ALA B 20 13.78 9.48 -20.69
N ALA B 21 14.56 9.74 -19.64
CA ALA B 21 14.86 11.14 -19.21
C ALA B 21 14.91 12.24 -20.32
N ASP B 22 15.53 11.95 -21.46
CA ASP B 22 15.56 12.90 -22.57
C ASP B 22 14.20 13.61 -22.66
N PRO B 23 14.22 14.86 -23.11
CA PRO B 23 12.98 15.53 -23.57
C PRO B 23 12.63 15.20 -25.03
N SER B 24 13.61 15.32 -25.92
CA SER B 24 13.34 15.37 -27.36
C SER B 24 12.90 14.03 -27.93
N VAL B 25 12.59 13.07 -27.05
CA VAL B 25 12.20 11.75 -27.52
C VAL B 25 10.75 11.41 -27.27
N VAL B 26 10.12 10.79 -28.26
CA VAL B 26 8.77 10.19 -28.06
C VAL B 26 8.89 8.89 -27.28
N ASN B 27 8.17 8.76 -26.15
CA ASN B 27 8.30 7.57 -25.25
C ASN B 27 7.08 6.68 -25.36
N LEU B 28 7.32 5.50 -26.00
CA LEU B 28 6.34 4.47 -26.18
C LEU B 28 6.76 3.33 -25.34
N GLY B 29 7.44 3.64 -24.25
CA GLY B 29 8.06 2.65 -23.36
C GLY B 29 7.21 2.13 -22.23
N GLN B 30 7.11 2.89 -21.14
CA GLN B 30 6.35 2.48 -19.96
C GLN B 30 4.86 2.53 -20.24
N GLY B 31 4.10 1.78 -19.47
CA GLY B 31 2.65 1.76 -19.59
C GLY B 31 2.08 3.00 -18.92
N PHE B 32 2.54 4.16 -19.36
CA PHE B 32 2.09 5.42 -18.81
C PHE B 32 1.24 6.15 -19.84
N PRO B 33 -0.09 5.99 -19.73
CA PRO B 33 -1.03 6.62 -20.71
C PRO B 33 -0.96 8.18 -20.66
N ASP B 34 -1.19 8.86 -21.79
CA ASP B 34 -1.31 10.33 -21.77
C ASP B 34 -2.61 10.85 -22.37
N ILE B 35 -3.57 9.93 -22.56
CA ILE B 35 -4.92 10.38 -22.80
C ILE B 35 -5.44 10.97 -21.46
N SER B 36 -6.29 11.98 -21.52
CA SER B 36 -7.05 12.41 -20.35
C SER B 36 -7.93 11.27 -19.90
N PRO B 37 -8.03 11.05 -18.58
CA PRO B 37 -9.04 10.21 -18.01
C PRO B 37 -10.45 10.70 -18.35
N PRO B 38 -11.44 9.82 -18.29
CA PRO B 38 -12.83 10.20 -18.41
C PRO B 38 -13.14 11.32 -17.43
N SER B 39 -13.53 12.47 -17.94
CA SER B 39 -13.58 13.67 -17.14
C SER B 39 -14.44 13.53 -15.86
N TYR B 40 -15.32 12.53 -15.79
CA TYR B 40 -16.12 12.41 -14.60
C TYR B 40 -15.35 11.74 -13.53
N VAL B 41 -14.44 10.86 -13.95
CA VAL B 41 -13.42 10.31 -13.02
C VAL B 41 -12.69 11.45 -12.26
N LYS B 42 -12.32 12.51 -12.98
CA LYS B 42 -11.57 13.58 -12.33
C LYS B 42 -12.49 14.43 -11.46
N GLU B 43 -13.71 14.65 -11.98
CA GLU B 43 -14.80 15.20 -11.21
C GLU B 43 -14.82 14.57 -9.84
N GLU B 44 -15.13 13.28 -9.78
CA GLU B 44 -15.46 12.67 -8.48
C GLU B 44 -14.32 12.83 -7.44
N LEU B 45 -13.07 12.77 -7.86
CA LEU B 45 -12.00 13.06 -6.95
C LEU B 45 -12.14 14.43 -6.31
N SER B 46 -12.29 15.47 -7.11
CA SER B 46 -12.54 16.82 -6.61
C SER B 46 -13.64 16.82 -5.55
N LYS B 47 -14.82 16.35 -5.94
CA LYS B 47 -15.98 16.32 -5.09
C LYS B 47 -15.69 15.57 -3.81
N ALA B 48 -14.93 14.48 -3.90
CA ALA B 48 -14.58 13.68 -2.74
C ALA B 48 -13.70 14.49 -1.82
N ALA B 49 -12.76 15.25 -2.42
CA ALA B 49 -11.82 16.17 -1.74
C ALA B 49 -12.55 17.12 -0.79
N PHE B 50 -13.73 17.60 -1.17
CA PHE B 50 -14.35 18.66 -0.38
C PHE B 50 -15.16 18.18 0.80
N ILE B 51 -15.39 16.86 0.92
CA ILE B 51 -16.19 16.26 2.02
C ILE B 51 -15.23 15.77 3.14
N ASP B 52 -15.35 16.34 4.34
CA ASP B 52 -14.40 15.99 5.42
C ASP B 52 -14.20 14.51 5.68
N ASN B 53 -15.26 13.74 5.97
CA ASN B 53 -15.13 12.27 6.14
C ASN B 53 -14.40 11.55 5.02
N MET B 54 -14.56 12.01 3.77
CA MET B 54 -13.89 11.32 2.71
C MET B 54 -12.42 11.61 2.74
N ASN B 55 -12.00 12.30 3.78
CA ASN B 55 -10.58 12.51 3.98
C ASN B 55 -10.04 11.85 5.23
N GLN B 56 -10.85 10.98 5.87
CA GLN B 56 -10.47 10.31 7.17
C GLN B 56 -10.65 8.86 6.83
N TYR B 57 -10.31 7.93 7.71
CA TYR B 57 -10.28 6.50 7.43
C TYR B 57 -11.58 5.85 6.93
N THR B 58 -11.49 4.67 6.31
CA THR B 58 -12.66 3.90 5.87
C THR B 58 -12.54 2.39 6.19
N ARG B 59 -13.59 1.55 6.04
CA ARG B 59 -13.35 0.12 6.10
C ARG B 59 -11.98 -0.34 5.61
N GLY B 60 -11.19 -0.98 6.49
CA GLY B 60 -9.88 -1.44 6.06
C GLY B 60 -9.84 -2.28 4.80
N PHE B 61 -10.88 -3.00 4.48
CA PHE B 61 -10.76 -3.97 3.39
C PHE B 61 -11.39 -3.48 2.11
N GLY B 62 -11.89 -2.23 2.18
CA GLY B 62 -12.50 -1.55 1.05
C GLY B 62 -13.65 -0.65 1.44
N HIS B 63 -13.49 0.59 1.04
CA HIS B 63 -14.50 1.56 1.21
C HIS B 63 -15.88 0.94 0.90
N PRO B 64 -16.88 1.09 1.85
CA PRO B 64 -18.15 0.37 1.61
C PRO B 64 -18.85 0.72 0.30
N ALA B 65 -19.03 1.96 -0.08
CA ALA B 65 -19.51 2.20 -1.49
C ALA B 65 -18.69 1.41 -2.60
N LEU B 66 -17.37 1.58 -2.63
CA LEU B 66 -16.52 0.89 -3.61
C LEU B 66 -16.71 -0.62 -3.71
N VAL B 67 -16.79 -1.31 -2.59
CA VAL B 67 -16.99 -2.75 -2.59
C VAL B 67 -18.40 -3.09 -3.00
N LYS B 68 -19.38 -2.39 -2.48
CA LYS B 68 -20.76 -2.60 -2.95
C LYS B 68 -20.78 -2.54 -4.51
N ALA B 69 -20.07 -1.59 -5.11
CA ALA B 69 -20.10 -1.45 -6.52
C ALA B 69 -19.34 -2.61 -7.25
N LEU B 70 -18.06 -2.82 -6.93
CA LEU B 70 -17.34 -4.01 -7.38
C LEU B 70 -18.24 -5.23 -7.34
N SER B 71 -18.85 -5.47 -6.20
CA SER B 71 -19.91 -6.47 -6.04
C SER B 71 -20.93 -6.51 -7.16
N CYS B 72 -21.49 -5.34 -7.42
CA CYS B 72 -22.50 -5.24 -8.43
C CYS B 72 -22.03 -5.59 -9.84
N LEU B 73 -21.08 -4.84 -10.37
CA LEU B 73 -20.42 -5.14 -11.65
C LEU B 73 -19.95 -6.57 -11.76
N TYR B 74 -19.07 -6.98 -10.87
CA TYR B 74 -18.54 -8.28 -11.06
C TYR B 74 -19.55 -9.47 -10.99
N GLY B 75 -20.56 -9.40 -10.12
CA GLY B 75 -21.56 -10.44 -10.10
C GLY B 75 -22.50 -10.45 -11.30
N LYS B 76 -22.62 -9.31 -12.02
CA LYS B 76 -23.14 -9.38 -13.40
C LYS B 76 -22.22 -10.30 -14.28
N ILE B 77 -20.92 -9.99 -14.36
CA ILE B 77 -19.91 -10.83 -14.96
C ILE B 77 -19.88 -12.29 -14.49
N TYR B 78 -19.88 -12.60 -13.19
CA TYR B 78 -19.76 -14.02 -12.80
C TYR B 78 -21.11 -14.76 -12.84
N GLN B 79 -22.22 -14.09 -13.17
CA GLN B 79 -23.53 -14.68 -12.86
C GLN B 79 -23.58 -15.28 -11.44
N ARG B 80 -23.20 -14.52 -10.44
CA ARG B 80 -23.30 -15.02 -9.08
C ARG B 80 -23.28 -13.84 -8.16
N GLN B 81 -23.75 -14.12 -6.96
CA GLN B 81 -23.75 -13.16 -5.88
C GLN B 81 -22.45 -13.12 -5.12
N ILE B 82 -21.89 -11.93 -5.09
CA ILE B 82 -20.58 -11.79 -4.54
C ILE B 82 -20.64 -10.91 -3.30
N ASP B 83 -20.25 -11.49 -2.19
CA ASP B 83 -20.34 -10.79 -0.94
C ASP B 83 -19.35 -9.63 -0.93
N PRO B 84 -19.83 -8.43 -0.63
CA PRO B 84 -18.88 -7.32 -0.74
C PRO B 84 -17.80 -7.28 0.33
N ASN B 85 -18.09 -7.85 1.50
CA ASN B 85 -17.13 -7.77 2.62
C ASN B 85 -16.28 -9.01 2.72
N GLU B 86 -16.76 -10.13 2.15
CA GLU B 86 -16.03 -11.37 2.38
C GLU B 86 -15.34 -11.96 1.18
N GLU B 87 -15.74 -11.50 0.02
CA GLU B 87 -15.22 -12.06 -1.23
C GLU B 87 -14.39 -11.07 -2.06
N ILE B 88 -14.24 -9.87 -1.51
CA ILE B 88 -13.46 -8.79 -2.13
C ILE B 88 -12.48 -8.28 -1.11
N LEU B 89 -11.33 -7.82 -1.61
CA LEU B 89 -10.34 -7.04 -0.82
C LEU B 89 -9.70 -5.95 -1.72
N VAL B 90 -9.76 -4.73 -1.28
CA VAL B 90 -9.18 -3.68 -2.02
C VAL B 90 -7.72 -3.51 -1.53
N ALA B 91 -6.79 -3.40 -2.49
CA ALA B 91 -5.37 -3.28 -2.15
C ALA B 91 -4.80 -2.12 -2.89
N VAL B 92 -3.61 -1.69 -2.51
CA VAL B 92 -2.88 -0.62 -3.23
C VAL B 92 -2.43 -1.19 -4.58
N GLY B 93 -3.20 -0.83 -5.60
CA GLY B 93 -3.12 -1.39 -6.97
C GLY B 93 -3.23 -2.92 -7.07
N ALA B 94 -3.19 -3.39 -8.33
CA ALA B 94 -2.99 -4.85 -8.62
C ALA B 94 -1.70 -5.37 -8.06
N TYR B 95 -0.65 -4.58 -8.07
CA TYR B 95 0.60 -4.99 -7.43
C TYR B 95 0.39 -5.47 -6.02
N GLY B 96 -0.23 -4.60 -5.21
CA GLY B 96 -0.54 -4.96 -3.84
C GLY B 96 -1.57 -6.07 -3.73
N SER B 97 -2.45 -6.27 -4.74
CA SER B 97 -3.25 -7.51 -4.72
C SER B 97 -2.42 -8.76 -4.98
N LEU B 98 -1.55 -8.70 -6.01
CA LEU B 98 -0.65 -9.87 -6.25
C LEU B 98 0.08 -10.26 -4.93
N PHE B 99 0.74 -9.27 -4.31
CA PHE B 99 1.48 -9.42 -3.09
C PHE B 99 0.63 -9.95 -1.90
N ASN B 100 -0.62 -9.46 -1.73
CA ASN B 100 -1.50 -10.01 -0.67
C ASN B 100 -1.75 -11.50 -0.96
N SER B 101 -1.96 -11.84 -2.22
CA SER B 101 -2.17 -13.26 -2.56
C SER B 101 -1.00 -14.18 -2.29
N ILE B 102 0.20 -13.79 -2.70
CA ILE B 102 1.37 -14.63 -2.56
C ILE B 102 1.74 -14.78 -1.08
N GLN B 103 1.97 -13.65 -0.41
CA GLN B 103 2.29 -13.66 1.02
C GLN B 103 1.24 -14.43 1.87
N GLY B 104 -0.02 -14.37 1.47
CA GLY B 104 -1.05 -14.95 2.27
C GLY B 104 -1.23 -16.44 2.05
N LEU B 105 -0.87 -16.92 0.84
CA LEU B 105 -1.16 -18.33 0.47
C LEU B 105 0.00 -19.26 0.20
N VAL B 106 1.24 -18.76 0.28
CA VAL B 106 2.39 -19.47 -0.30
C VAL B 106 3.52 -19.41 0.68
N ASP B 107 4.05 -20.61 0.98
CA ASP B 107 5.14 -20.88 1.97
C ASP B 107 6.49 -21.05 1.31
N PRO B 108 7.60 -20.94 2.11
CA PRO B 108 8.88 -21.51 1.72
C PRO B 108 8.71 -22.92 1.20
N GLY B 109 9.32 -23.23 0.05
CA GLY B 109 9.31 -24.54 -0.56
C GLY B 109 8.24 -24.82 -1.59
N ASP B 110 7.19 -24.00 -1.66
CA ASP B 110 6.19 -24.28 -2.66
C ASP B 110 6.78 -23.91 -4.00
N GLU B 111 6.22 -24.53 -5.03
CA GLU B 111 6.51 -24.15 -6.35
C GLU B 111 5.30 -23.33 -6.82
N VAL B 112 5.50 -22.12 -7.35
CA VAL B 112 4.48 -21.42 -8.13
C VAL B 112 4.80 -21.40 -9.65
N ILE B 113 3.88 -21.88 -10.49
CA ILE B 113 4.05 -21.92 -11.94
C ILE B 113 3.77 -20.56 -12.66
N ILE B 114 4.71 -20.13 -13.51
CA ILE B 114 4.64 -18.82 -14.15
C ILE B 114 4.93 -18.94 -15.63
N MET B 115 4.13 -18.30 -16.46
CA MET B 115 4.29 -18.36 -17.90
C MET B 115 5.15 -17.25 -18.50
N VAL B 116 6.19 -17.61 -19.21
CA VAL B 116 7.06 -16.60 -19.74
C VAL B 116 6.72 -16.28 -21.19
N PRO B 117 6.90 -15.02 -21.58
CA PRO B 117 7.32 -13.92 -20.74
C PRO B 117 6.23 -13.62 -19.71
N PHE B 118 6.63 -13.10 -18.55
CA PHE B 118 5.73 -12.71 -17.47
C PHE B 118 5.90 -11.30 -17.13
N TYR B 119 4.81 -10.67 -16.73
CA TYR B 119 4.94 -9.40 -16.04
C TYR B 119 5.93 -9.65 -14.91
N ASP B 120 6.90 -8.75 -14.77
CA ASP B 120 8.16 -9.05 -14.13
C ASP B 120 8.07 -9.22 -12.64
N CYS B 121 7.10 -8.60 -12.01
CA CYS B 121 7.04 -8.69 -10.57
C CYS B 121 6.61 -10.10 -10.06
N TYR B 122 6.09 -10.99 -10.95
CA TYR B 122 5.61 -12.28 -10.49
C TYR B 122 6.76 -13.07 -9.86
N GLU B 123 7.95 -13.00 -10.46
CA GLU B 123 9.13 -13.76 -9.96
C GLU B 123 9.66 -13.34 -8.60
N PRO B 124 10.00 -12.07 -8.49
CA PRO B 124 10.52 -11.67 -7.15
C PRO B 124 9.48 -11.79 -5.99
N MET B 125 8.21 -11.46 -6.21
CA MET B 125 7.18 -11.79 -5.25
C MET B 125 7.28 -13.21 -4.87
N VAL B 126 7.04 -14.13 -5.78
CA VAL B 126 7.17 -15.52 -5.40
C VAL B 126 8.48 -15.91 -4.73
N ARG B 127 9.60 -15.35 -5.16
CA ARG B 127 10.87 -15.57 -4.43
C ARG B 127 10.90 -14.88 -3.06
N MET B 128 10.27 -13.76 -2.92
CA MET B 128 10.27 -13.16 -1.58
C MET B 128 9.59 -14.05 -0.53
N ALA B 129 8.67 -14.91 -0.92
CA ALA B 129 7.87 -15.68 0.02
C ALA B 129 8.48 -17.05 0.09
N GLY B 130 9.69 -17.19 -0.45
CA GLY B 130 10.44 -18.42 -0.30
C GLY B 130 10.05 -19.56 -1.23
N ALA B 131 9.33 -19.29 -2.34
CA ALA B 131 8.87 -20.38 -3.17
C ALA B 131 9.80 -20.58 -4.37
N VAL B 132 9.65 -21.68 -5.07
CA VAL B 132 10.40 -21.79 -6.28
C VAL B 132 9.52 -21.51 -7.44
N PRO B 133 9.84 -20.47 -8.18
CA PRO B 133 9.13 -20.20 -9.44
C PRO B 133 9.44 -21.32 -10.41
N VAL B 134 8.42 -21.72 -11.17
CA VAL B 134 8.57 -22.73 -12.19
C VAL B 134 8.01 -22.23 -13.55
N PHE B 135 8.86 -22.28 -14.58
CA PHE B 135 8.68 -21.51 -15.79
C PHE B 135 8.21 -22.39 -16.94
N ILE B 136 7.28 -21.87 -17.71
CA ILE B 136 6.95 -22.58 -18.89
C ILE B 136 6.83 -21.47 -19.88
N PRO B 137 7.46 -21.63 -21.07
CA PRO B 137 7.41 -20.57 -22.10
C PRO B 137 6.16 -20.71 -22.93
N LEU B 138 5.60 -19.59 -23.38
CA LEU B 138 4.71 -19.59 -24.53
C LEU B 138 5.47 -19.89 -25.89
N ARG B 139 4.81 -20.58 -26.82
CA ARG B 139 5.50 -21.01 -28.06
C ARG B 139 4.71 -20.62 -29.24
N SER B 140 5.37 -20.26 -30.35
CA SER B 140 4.67 -19.86 -31.62
C SER B 140 4.09 -21.10 -32.31
N LYS B 141 3.04 -20.87 -33.08
CA LYS B 141 2.52 -21.82 -33.99
C LYS B 141 2.56 -21.19 -35.37
N PRO B 142 2.58 -22.04 -36.42
CA PRO B 142 2.36 -21.54 -37.77
C PRO B 142 1.22 -20.51 -37.80
N THR B 143 1.50 -19.27 -38.18
CA THR B 143 0.47 -18.25 -38.45
C THR B 143 -0.47 -18.65 -39.62
N ASP B 144 -1.49 -17.85 -39.94
CA ASP B 144 -2.32 -18.13 -41.13
C ASP B 144 -1.76 -17.64 -42.48
N GLY B 145 -0.45 -17.44 -42.57
CA GLY B 145 0.16 -16.98 -43.81
C GLY B 145 0.01 -15.48 -43.84
N MET B 146 -1.16 -14.97 -43.40
CA MET B 146 -1.55 -13.57 -43.61
C MET B 146 -0.90 -12.50 -42.72
N LYS B 147 -0.95 -12.69 -41.41
CA LYS B 147 -0.40 -11.72 -40.40
C LYS B 147 0.16 -12.38 -39.10
N TRP B 148 0.74 -11.61 -38.18
CA TRP B 148 1.16 -12.21 -36.94
C TRP B 148 0.31 -11.70 -35.74
N THR B 149 -0.25 -12.63 -34.97
CA THR B 149 -1.11 -12.20 -33.86
C THR B 149 -0.88 -12.99 -32.55
N SER B 150 -1.02 -12.33 -31.39
CA SER B 150 -1.10 -12.99 -30.08
C SER B 150 -1.69 -14.40 -30.05
N SER B 151 -2.74 -14.64 -30.82
CA SER B 151 -3.35 -15.99 -30.89
C SER B 151 -2.40 -17.09 -31.46
N ASP B 152 -1.31 -16.66 -32.09
CA ASP B 152 -0.36 -17.59 -32.67
C ASP B 152 0.67 -17.97 -31.67
N TRP B 153 0.50 -17.47 -30.45
CA TRP B 153 1.22 -17.94 -29.31
C TRP B 153 0.32 -18.82 -28.43
N THR B 154 0.90 -19.79 -27.76
CA THR B 154 0.13 -20.68 -26.93
C THR B 154 1.06 -21.67 -26.20
N PHE B 155 0.50 -22.54 -25.37
CA PHE B 155 1.31 -23.39 -24.54
C PHE B 155 0.96 -24.87 -24.68
N ASP B 156 1.93 -25.74 -24.40
CA ASP B 156 1.77 -27.15 -24.68
C ASP B 156 1.25 -27.86 -23.45
N PRO B 157 -0.01 -28.35 -23.51
CA PRO B 157 -0.70 -28.94 -22.36
C PRO B 157 0.14 -30.01 -21.66
N ARG B 158 1.01 -30.68 -22.41
CA ARG B 158 1.75 -31.80 -21.88
C ARG B 158 3.03 -31.34 -21.19
N GLU B 159 3.58 -30.22 -21.65
CA GLU B 159 4.61 -29.52 -20.88
C GLU B 159 4.04 -28.99 -19.54
N LEU B 160 2.93 -28.26 -19.63
CA LEU B 160 2.24 -27.75 -18.45
C LEU B 160 1.93 -28.90 -17.51
N GLU B 161 1.25 -29.92 -18.01
CA GLU B 161 0.96 -31.00 -17.13
C GLU B 161 2.22 -31.31 -16.37
N SER B 162 3.40 -31.18 -16.97
CA SER B 162 4.55 -31.76 -16.32
C SER B 162 5.19 -30.82 -15.35
N LYS B 163 4.62 -29.66 -15.09
CA LYS B 163 5.25 -28.72 -14.17
C LYS B 163 4.52 -28.88 -12.86
N PHE B 164 3.31 -29.41 -12.99
CA PHE B 164 2.51 -29.73 -11.84
C PHE B 164 3.10 -30.98 -11.20
N SER B 165 3.58 -30.83 -9.97
CA SER B 165 3.98 -31.90 -9.08
C SER B 165 3.30 -31.65 -7.73
N SER B 166 3.72 -32.37 -6.70
CA SER B 166 2.90 -32.31 -5.49
C SER B 166 3.31 -31.07 -4.70
N LYS B 167 4.22 -30.29 -5.27
CA LYS B 167 4.82 -29.13 -4.60
C LYS B 167 4.17 -27.88 -5.20
N THR B 168 3.43 -28.02 -6.28
CA THR B 168 2.75 -26.84 -6.80
C THR B 168 1.64 -26.35 -5.89
N LYS B 169 1.78 -25.10 -5.49
CA LYS B 169 0.77 -24.40 -4.76
C LYS B 169 -0.13 -23.67 -5.75
N ALA B 170 0.45 -22.95 -6.69
CA ALA B 170 -0.36 -22.09 -7.55
C ALA B 170 0.24 -21.94 -8.95
N ILE B 171 -0.54 -21.47 -9.90
CA ILE B 171 -0.08 -21.08 -11.20
C ILE B 171 -0.57 -19.63 -11.31
N ILE B 172 0.27 -18.68 -11.76
CA ILE B 172 -0.09 -17.30 -12.00
C ILE B 172 -0.44 -17.22 -13.48
N LEU B 173 -1.63 -16.70 -13.80
CA LEU B 173 -2.09 -16.53 -15.16
C LEU B 173 -2.36 -15.04 -15.33
N ASN B 174 -2.11 -14.50 -16.52
CA ASN B 174 -2.31 -13.09 -16.77
C ASN B 174 -2.90 -12.95 -18.19
N THR B 175 -4.21 -12.70 -18.28
CA THR B 175 -4.86 -12.48 -19.54
C THR B 175 -5.82 -11.37 -19.33
N PRO B 176 -5.79 -10.34 -20.17
CA PRO B 176 -4.95 -10.26 -21.36
C PRO B 176 -3.50 -10.12 -21.00
N HIS B 177 -2.62 -10.68 -21.82
CA HIS B 177 -1.25 -10.87 -21.43
C HIS B 177 -0.41 -9.61 -21.59
N ASN B 178 0.52 -9.48 -20.69
CA ASN B 178 1.50 -8.43 -20.81
C ASN B 178 2.89 -9.06 -20.76
N PRO B 179 3.58 -9.11 -21.88
CA PRO B 179 3.64 -8.14 -22.95
C PRO B 179 3.06 -8.46 -24.33
N LEU B 180 2.51 -9.61 -24.58
CA LEU B 180 2.08 -9.92 -25.93
C LEU B 180 0.64 -9.63 -26.30
N GLY B 181 -0.22 -9.59 -25.31
CA GLY B 181 -1.56 -9.09 -25.49
C GLY B 181 -2.42 -10.19 -26.04
N LYS B 182 -1.94 -11.39 -25.80
CA LYS B 182 -2.72 -12.59 -25.85
C LYS B 182 -3.97 -12.57 -24.95
N VAL B 183 -5.10 -12.97 -25.51
CA VAL B 183 -6.30 -13.24 -24.72
C VAL B 183 -6.54 -14.77 -24.62
N TYR B 184 -6.22 -15.41 -23.51
CA TYR B 184 -6.46 -16.87 -23.36
C TYR B 184 -7.86 -17.34 -23.79
N THR B 185 -7.94 -18.53 -24.38
CA THR B 185 -9.16 -19.02 -24.99
C THR B 185 -9.88 -19.89 -23.98
N ARG B 186 -11.16 -20.10 -24.15
CA ARG B 186 -11.85 -21.02 -23.25
C ARG B 186 -11.11 -22.35 -23.18
N GLN B 187 -10.54 -22.83 -24.28
CA GLN B 187 -9.85 -24.16 -24.28
C GLN B 187 -8.51 -24.10 -23.57
N GLU B 188 -7.71 -23.10 -23.88
CA GLU B 188 -6.46 -22.89 -23.13
C GLU B 188 -6.77 -22.82 -21.64
N LEU B 189 -7.69 -21.93 -21.23
CA LEU B 189 -8.09 -21.84 -19.78
C LEU B 189 -8.62 -23.16 -19.17
N GLN B 190 -9.36 -23.93 -19.97
CA GLN B 190 -9.81 -25.22 -19.45
C GLN B 190 -8.65 -26.20 -19.14
N VAL B 191 -7.48 -26.08 -19.82
CA VAL B 191 -6.41 -27.02 -19.49
C VAL B 191 -5.87 -26.70 -18.12
N ILE B 192 -5.76 -25.38 -17.82
CA ILE B 192 -5.20 -24.89 -16.55
C ILE B 192 -6.16 -25.24 -15.43
N ALA B 193 -7.46 -25.12 -15.71
CA ALA B 193 -8.45 -25.51 -14.73
C ALA B 193 -8.40 -26.99 -14.44
N ASP B 194 -8.22 -27.83 -15.47
CA ASP B 194 -8.18 -29.25 -15.25
C ASP B 194 -7.07 -29.62 -14.27
N LEU B 195 -5.88 -29.12 -14.56
CA LEU B 195 -4.71 -29.33 -13.74
C LEU B 195 -4.84 -28.83 -12.32
N CYS B 196 -5.38 -27.62 -12.12
CA CYS B 196 -5.63 -27.19 -10.72
C CYS B 196 -6.68 -28.05 -10.02
N VAL B 197 -7.74 -28.48 -10.69
CA VAL B 197 -8.59 -29.37 -9.87
C VAL B 197 -7.82 -30.65 -9.52
N LYS B 198 -7.23 -31.26 -10.52
CA LYS B 198 -6.48 -32.49 -10.36
C LYS B 198 -5.35 -32.44 -9.36
N HIS B 199 -4.66 -31.30 -9.23
CA HIS B 199 -3.54 -31.26 -8.26
C HIS B 199 -3.86 -30.50 -6.96
N ASP B 200 -5.04 -29.83 -7.02
CA ASP B 200 -5.64 -29.06 -5.93
C ASP B 200 -4.67 -27.93 -5.65
N THR B 201 -4.71 -26.96 -6.53
CA THR B 201 -3.77 -25.86 -6.47
C THR B 201 -4.51 -24.58 -6.68
N LEU B 202 -3.85 -23.46 -6.46
CA LEU B 202 -4.53 -22.19 -6.61
C LEU B 202 -4.30 -21.68 -8.00
N CYS B 203 -5.24 -20.91 -8.50
CA CYS B 203 -4.91 -20.09 -9.62
C CYS B 203 -5.00 -18.67 -9.12
N ILE B 204 -4.03 -17.87 -9.49
CA ILE B 204 -4.10 -16.42 -9.20
C ILE B 204 -4.13 -15.72 -10.58
N SER B 205 -5.17 -14.92 -10.82
CA SER B 205 -5.46 -14.53 -12.17
C SER B 205 -5.40 -13.02 -12.34
N ASP B 206 -4.31 -12.57 -12.95
CA ASP B 206 -4.13 -11.18 -13.23
C ASP B 206 -4.91 -10.67 -14.44
N GLU B 207 -6.04 -10.03 -14.16
CA GLU B 207 -6.95 -9.60 -15.23
C GLU B 207 -7.09 -8.06 -15.33
N VAL B 208 -6.10 -7.37 -14.83
CA VAL B 208 -6.16 -5.94 -15.01
C VAL B 208 -6.53 -5.47 -16.38
N TYR B 209 -6.15 -6.14 -17.44
CA TYR B 209 -6.53 -5.64 -18.80
C TYR B 209 -7.84 -6.18 -19.27
N GLU B 210 -8.76 -6.53 -18.40
CA GLU B 210 -9.93 -7.31 -18.83
C GLU B 210 -10.87 -6.67 -19.85
N TRP B 211 -10.99 -5.35 -19.84
CA TRP B 211 -11.91 -4.66 -20.75
C TRP B 211 -11.18 -4.40 -22.03
N LEU B 212 -9.89 -4.67 -22.09
CA LEU B 212 -9.21 -4.28 -23.28
C LEU B 212 -9.17 -5.43 -24.32
N VAL B 213 -10.32 -5.79 -24.86
CA VAL B 213 -10.37 -6.87 -25.80
C VAL B 213 -10.85 -6.38 -27.18
N TYR B 214 -10.21 -6.83 -28.25
CA TYR B 214 -10.50 -6.29 -29.55
C TYR B 214 -11.41 -7.27 -30.31
N THR B 215 -11.88 -6.86 -31.47
CA THR B 215 -12.82 -7.64 -32.23
C THR B 215 -12.30 -9.03 -32.56
N GLY B 216 -13.16 -10.03 -32.41
CA GLY B 216 -12.78 -11.44 -32.57
C GLY B 216 -12.32 -12.21 -31.33
N HIS B 217 -12.48 -11.58 -30.17
CA HIS B 217 -12.01 -12.12 -28.89
C HIS B 217 -12.92 -11.81 -27.65
N THR B 218 -12.86 -12.65 -26.61
CA THR B 218 -13.71 -12.44 -25.41
C THR B 218 -12.86 -12.69 -24.22
N HIS B 219 -12.82 -11.73 -23.31
CA HIS B 219 -12.26 -11.98 -21.98
C HIS B 219 -13.11 -13.06 -21.26
N VAL B 220 -12.52 -14.19 -20.94
CA VAL B 220 -13.19 -15.11 -20.06
C VAL B 220 -12.39 -15.36 -18.82
N LYS B 221 -13.11 -15.43 -17.72
CA LYS B 221 -12.48 -15.57 -16.46
C LYS B 221 -12.44 -17.05 -16.06
N ILE B 222 -11.26 -17.56 -15.81
CA ILE B 222 -11.14 -18.92 -15.23
C ILE B 222 -11.98 -19.17 -13.96
N ALA B 223 -12.12 -18.15 -13.09
CA ALA B 223 -12.88 -18.30 -11.84
C ALA B 223 -14.33 -18.78 -12.17
N THR B 224 -14.73 -18.64 -13.43
CA THR B 224 -16.09 -18.98 -13.83
C THR B 224 -16.21 -20.46 -14.18
N LEU B 225 -15.11 -21.04 -14.63
CA LEU B 225 -15.10 -22.42 -15.09
C LEU B 225 -15.56 -23.37 -13.98
N PRO B 226 -16.12 -24.52 -14.37
CA PRO B 226 -16.51 -25.52 -13.36
C PRO B 226 -15.36 -25.77 -12.37
N GLY B 227 -15.58 -25.44 -11.11
CA GLY B 227 -14.72 -25.92 -10.03
C GLY B 227 -13.62 -24.94 -9.70
N MET B 228 -13.56 -23.83 -10.44
CA MET B 228 -12.48 -22.84 -10.20
C MET B 228 -12.75 -21.82 -9.11
N TRP B 229 -14.04 -21.47 -8.93
CA TRP B 229 -14.43 -20.45 -8.01
C TRP B 229 -13.66 -20.45 -6.70
N GLU B 230 -13.43 -21.65 -6.14
CA GLU B 230 -12.99 -21.84 -4.77
C GLU B 230 -11.48 -22.08 -4.66
N ARG B 231 -10.79 -21.92 -5.80
CA ARG B 231 -9.34 -22.07 -5.88
C ARG B 231 -8.76 -20.93 -6.66
N THR B 232 -9.55 -19.89 -6.93
CA THR B 232 -9.04 -18.79 -7.76
C THR B 232 -9.14 -17.45 -7.11
N ILE B 233 -8.11 -16.65 -7.20
CA ILE B 233 -8.17 -15.23 -6.86
C ILE B 233 -8.04 -14.45 -8.17
N THR B 234 -8.92 -13.50 -8.43
CA THR B 234 -8.90 -12.81 -9.69
C THR B 234 -8.64 -11.40 -9.31
N ILE B 235 -7.75 -10.74 -10.05
CA ILE B 235 -7.34 -9.42 -9.65
C ILE B 235 -7.77 -8.35 -10.68
N GLY B 236 -8.28 -7.21 -10.20
CA GLY B 236 -8.52 -6.09 -11.11
C GLY B 236 -7.75 -4.84 -10.70
N SER B 237 -7.89 -3.77 -11.46
CA SER B 237 -7.29 -2.49 -11.16
C SER B 237 -8.07 -1.27 -11.69
N ALA B 238 -8.04 -0.18 -10.90
CA ALA B 238 -8.57 1.13 -11.29
C ALA B 238 -7.65 1.73 -12.34
N GLY B 239 -6.38 1.59 -12.14
CA GLY B 239 -5.39 2.05 -13.15
C GLY B 239 -5.76 1.68 -14.57
N LYS B 240 -6.14 0.42 -14.79
CA LYS B 240 -6.43 -0.06 -16.13
C LYS B 240 -7.86 0.30 -16.55
N THR B 241 -8.77 0.29 -15.58
CA THR B 241 -10.20 0.37 -15.87
C THR B 241 -10.60 1.79 -16.26
N PHE B 242 -9.89 2.77 -15.71
CA PHE B 242 -10.31 4.17 -15.82
C PHE B 242 -9.13 5.06 -16.21
N SER B 243 -8.08 4.45 -16.75
CA SER B 243 -6.95 5.20 -17.29
C SER B 243 -6.44 6.22 -16.29
N VAL B 244 -6.39 5.73 -15.07
CA VAL B 244 -5.96 6.51 -13.97
C VAL B 244 -4.88 5.73 -13.21
N THR B 245 -3.74 5.52 -13.86
CA THR B 245 -2.73 4.60 -13.33
C THR B 245 -2.16 5.11 -12.01
N GLY B 246 -2.31 6.40 -11.76
CA GLY B 246 -1.69 7.03 -10.61
C GLY B 246 -2.48 6.96 -9.33
N TRP B 247 -3.60 6.25 -9.35
CA TRP B 247 -4.43 6.07 -8.16
C TRP B 247 -4.02 4.83 -7.38
N LYS B 248 -3.60 3.79 -8.11
CA LYS B 248 -3.03 2.61 -7.49
C LYS B 248 -4.05 1.88 -6.61
N LEU B 249 -5.23 1.64 -7.18
CA LEU B 249 -6.22 0.78 -6.53
C LEU B 249 -6.54 -0.43 -7.40
N GLY B 250 -6.54 -1.61 -6.77
CA GLY B 250 -7.18 -2.77 -7.34
C GLY B 250 -7.82 -3.64 -6.27
N TRP B 251 -8.15 -4.88 -6.64
CA TRP B 251 -9.11 -5.70 -5.90
C TRP B 251 -8.90 -7.15 -6.22
N SER B 252 -9.04 -8.00 -5.21
CA SER B 252 -8.96 -9.43 -5.42
C SER B 252 -10.36 -9.87 -5.23
N ILE B 253 -10.84 -10.74 -6.11
CA ILE B 253 -12.21 -11.24 -5.96
C ILE B 253 -12.09 -12.73 -5.74
N GLY B 254 -12.91 -13.35 -4.93
CA GLY B 254 -12.59 -14.74 -4.61
C GLY B 254 -13.35 -15.35 -3.46
N PRO B 255 -13.18 -16.65 -3.25
CA PRO B 255 -13.98 -17.22 -2.17
C PRO B 255 -13.44 -16.82 -0.79
N ALA B 256 -14.30 -16.85 0.23
CA ALA B 256 -13.97 -16.29 1.57
C ALA B 256 -12.77 -16.93 2.26
N HIS B 257 -12.67 -18.26 2.15
CA HIS B 257 -11.59 -18.94 2.87
C HIS B 257 -10.25 -18.57 2.20
N LEU B 258 -10.29 -18.03 1.01
CA LEU B 258 -9.08 -17.52 0.40
C LEU B 258 -8.94 -16.04 0.61
N ILE B 259 -9.99 -15.29 0.37
CA ILE B 259 -9.93 -13.86 0.68
C ILE B 259 -9.57 -13.45 2.13
N LYS B 260 -9.97 -14.24 3.13
CA LYS B 260 -9.70 -13.87 4.51
C LYS B 260 -8.22 -13.89 4.78
N HIS B 261 -7.55 -14.78 4.12
CA HIS B 261 -6.12 -14.85 4.16
C HIS B 261 -5.42 -13.60 3.60
N LEU B 262 -6.04 -12.94 2.63
CA LEU B 262 -5.37 -11.85 1.99
C LEU B 262 -5.59 -10.65 2.84
N GLN B 263 -6.76 -10.66 3.47
CA GLN B 263 -7.16 -9.64 4.48
C GLN B 263 -6.19 -9.68 5.69
N THR B 264 -5.75 -10.88 6.05
CA THR B 264 -4.78 -10.93 7.10
C THR B 264 -3.47 -10.23 6.65
N VAL B 265 -2.96 -10.58 5.48
CA VAL B 265 -1.81 -9.85 5.06
C VAL B 265 -2.07 -8.35 5.06
N GLN B 266 -3.20 -7.91 4.48
CA GLN B 266 -3.41 -6.50 4.49
C GLN B 266 -3.38 -5.83 5.86
N GLN B 267 -4.22 -6.26 6.79
CA GLN B 267 -4.23 -5.58 8.09
C GLN B 267 -2.84 -5.65 8.75
N ASN B 268 -1.98 -6.58 8.38
CA ASN B 268 -0.67 -6.51 9.00
C ASN B 268 0.37 -5.72 8.21
N SER B 269 -0.08 -5.02 7.17
CA SER B 269 0.82 -4.33 6.31
C SER B 269 0.50 -2.88 6.09
N PHE B 270 -0.56 -2.60 5.35
CA PHE B 270 -0.88 -1.24 4.98
C PHE B 270 -2.24 -0.93 5.58
N TYR B 271 -2.96 -2.00 5.90
CA TYR B 271 -4.34 -1.93 6.34
C TYR B 271 -5.06 -1.15 5.27
N THR B 272 -5.41 0.09 5.56
CA THR B 272 -6.41 0.85 4.84
C THR B 272 -5.91 1.51 3.57
N CYS B 273 -6.73 1.53 2.53
CA CYS B 273 -6.41 2.32 1.39
C CYS B 273 -7.03 3.74 1.40
N ALA B 274 -6.55 4.62 0.52
CA ALA B 274 -7.02 6.00 0.50
C ALA B 274 -8.57 6.08 0.30
N THR B 275 -9.23 6.89 1.13
CA THR B 275 -10.65 7.12 1.06
C THR B 275 -11.09 8.00 -0.10
N PRO B 276 -10.46 9.20 -0.26
CA PRO B 276 -10.99 10.08 -1.37
C PRO B 276 -10.90 9.36 -2.69
N LEU B 277 -9.83 8.61 -2.90
CA LEU B 277 -9.70 7.81 -4.12
C LEU B 277 -10.77 6.76 -4.27
N GLN B 278 -10.97 5.92 -3.25
CA GLN B 278 -12.05 4.94 -3.33
C GLN B 278 -13.46 5.61 -3.40
N ALA B 279 -13.74 6.70 -2.65
CA ALA B 279 -15.06 7.35 -2.80
C ALA B 279 -15.33 7.67 -4.25
N ALA B 280 -14.36 8.37 -4.84
CA ALA B 280 -14.48 8.83 -6.22
C ALA B 280 -14.59 7.72 -7.25
N LEU B 281 -13.86 6.61 -7.02
CA LEU B 281 -13.81 5.47 -7.89
C LEU B 281 -15.16 4.80 -7.92
N ALA B 282 -15.85 4.80 -6.79
CA ALA B 282 -17.12 4.09 -6.65
C ALA B 282 -18.12 4.78 -7.55
N GLU B 283 -18.07 6.09 -7.54
CA GLU B 283 -18.92 6.89 -8.33
C GLU B 283 -18.67 6.71 -9.81
N ALA B 284 -17.40 6.74 -10.18
CA ALA B 284 -16.98 6.49 -11.51
C ALA B 284 -17.53 5.14 -11.93
N PHE B 285 -17.22 4.06 -11.21
CA PHE B 285 -17.95 2.77 -11.42
C PHE B 285 -19.47 2.93 -11.63
N TRP B 286 -20.24 3.44 -10.66
CA TRP B 286 -21.73 3.50 -10.82
C TRP B 286 -22.20 4.14 -12.15
N ILE B 287 -21.49 5.19 -12.53
CA ILE B 287 -21.87 5.94 -13.70
C ILE B 287 -21.83 5.00 -14.88
N ASP B 288 -20.70 4.26 -14.99
CA ASP B 288 -20.53 3.38 -16.16
C ASP B 288 -21.40 2.11 -16.06
N ILE B 289 -21.61 1.58 -14.84
CA ILE B 289 -22.37 0.35 -14.65
C ILE B 289 -23.82 0.50 -15.16
N LYS B 290 -24.40 1.71 -15.01
CA LYS B 290 -25.80 2.06 -15.39
C LYS B 290 -25.93 2.26 -16.92
N ARG B 291 -24.83 2.15 -17.63
CA ARG B 291 -24.85 2.26 -19.09
C ARG B 291 -23.94 1.27 -19.82
N MET B 292 -24.17 -0.01 -19.66
CA MET B 292 -23.20 -1.05 -20.05
C MET B 292 -23.41 -1.40 -21.48
N ASP B 293 -24.67 -1.30 -21.85
CA ASP B 293 -25.19 -1.70 -23.14
C ASP B 293 -24.88 -0.58 -24.12
N ASP B 294 -24.37 0.56 -23.64
CA ASP B 294 -24.18 1.77 -24.47
C ASP B 294 -22.77 2.09 -24.95
N PRO B 295 -22.67 2.59 -26.19
CA PRO B 295 -21.31 2.90 -26.61
C PRO B 295 -20.58 4.02 -25.83
N GLU B 296 -21.20 4.65 -24.82
CA GLU B 296 -20.50 5.69 -23.97
C GLU B 296 -19.76 5.13 -22.76
N CYS B 297 -20.34 4.05 -22.20
CA CYS B 297 -19.72 3.30 -21.15
C CYS B 297 -18.24 3.18 -21.44
N TYR B 298 -17.44 3.64 -20.49
CA TYR B 298 -16.00 3.56 -20.66
C TYR B 298 -15.53 2.08 -20.97
N PHE B 299 -16.29 1.12 -20.47
CA PHE B 299 -16.02 -0.26 -20.72
C PHE B 299 -16.03 -0.53 -22.24
N ASN B 300 -17.03 -0.03 -22.95
CA ASN B 300 -17.14 -0.31 -24.38
C ASN B 300 -16.35 0.66 -25.20
N SER B 301 -16.26 1.90 -24.70
CA SER B 301 -15.71 2.95 -25.48
C SER B 301 -14.18 2.87 -25.57
N LEU B 302 -13.52 2.57 -24.45
CA LEU B 302 -12.05 2.62 -24.45
C LEU B 302 -11.45 1.52 -25.35
N PRO B 303 -11.90 0.23 -25.27
CA PRO B 303 -11.30 -0.69 -26.28
C PRO B 303 -11.61 -0.24 -27.74
N LYS B 304 -12.81 0.22 -28.02
CA LYS B 304 -13.09 0.70 -29.35
C LYS B 304 -12.17 1.87 -29.77
N GLU B 305 -11.91 2.79 -28.85
CA GLU B 305 -11.00 3.90 -29.11
C GLU B 305 -9.55 3.44 -29.12
N LEU B 306 -9.25 2.37 -28.39
CA LEU B 306 -7.90 1.76 -28.43
C LEU B 306 -7.59 0.89 -29.65
N GLU B 307 -8.55 0.14 -30.18
CA GLU B 307 -8.32 -0.64 -31.42
C GLU B 307 -7.78 0.12 -32.58
N VAL B 308 -8.28 1.33 -32.85
CA VAL B 308 -7.79 2.16 -33.94
C VAL B 308 -6.29 2.39 -33.66
N LYS B 309 -6.00 2.98 -32.51
CA LYS B 309 -4.60 3.14 -32.07
C LYS B 309 -3.75 1.85 -32.21
N ARG B 310 -4.33 0.69 -31.92
CA ARG B 310 -3.57 -0.54 -32.17
C ARG B 310 -3.20 -0.63 -33.68
N ASP B 311 -4.19 -0.47 -34.56
CA ASP B 311 -3.95 -0.54 -35.96
C ASP B 311 -2.93 0.48 -36.52
N ARG B 312 -3.04 1.76 -36.15
CA ARG B 312 -2.03 2.75 -36.53
C ARG B 312 -0.62 2.22 -36.29
N MET B 313 -0.44 1.49 -35.20
CA MET B 313 0.83 0.95 -34.80
C MET B 313 1.26 -0.18 -35.68
N VAL B 314 0.38 -1.10 -36.00
CA VAL B 314 0.76 -2.18 -36.87
C VAL B 314 1.34 -1.69 -38.19
N ARG B 315 0.58 -0.85 -38.88
CA ARG B 315 1.04 -0.03 -39.98
C ARG B 315 2.40 0.71 -39.76
N LEU B 316 2.46 1.58 -38.76
CA LEU B 316 3.71 2.28 -38.53
C LEU B 316 4.88 1.32 -38.42
N LEU B 317 4.66 0.10 -37.98
CA LEU B 317 5.77 -0.78 -37.85
C LEU B 317 6.00 -1.63 -39.12
N ASN B 318 4.94 -2.15 -39.76
CA ASN B 318 5.13 -2.73 -41.09
C ASN B 318 5.88 -1.68 -41.94
N SER B 319 5.40 -0.42 -41.91
CA SER B 319 5.98 0.65 -42.76
C SER B 319 7.50 0.74 -42.67
N VAL B 320 8.12 0.26 -41.60
CA VAL B 320 9.57 0.38 -41.51
C VAL B 320 10.33 -0.91 -41.40
N GLY B 321 9.62 -2.00 -41.53
CA GLY B 321 10.22 -3.36 -41.58
C GLY B 321 10.46 -4.08 -40.26
N LEU B 322 9.82 -3.58 -39.20
CA LEU B 322 9.65 -4.26 -37.91
C LEU B 322 8.47 -5.20 -37.99
N LYS B 323 8.64 -6.51 -37.76
CA LYS B 323 7.45 -7.42 -37.86
C LYS B 323 6.51 -7.31 -36.60
N PRO B 324 5.36 -6.61 -36.70
CA PRO B 324 4.48 -6.51 -35.53
C PRO B 324 3.73 -7.79 -35.25
N ILE B 325 3.57 -8.14 -33.97
CA ILE B 325 2.62 -9.19 -33.54
C ILE B 325 1.35 -8.47 -33.08
N VAL B 326 0.24 -8.72 -33.74
CA VAL B 326 -0.92 -7.95 -33.43
C VAL B 326 -1.76 -8.51 -32.32
N PRO B 327 -1.95 -7.69 -31.30
CA PRO B 327 -2.41 -8.09 -29.99
C PRO B 327 -3.94 -8.22 -29.90
N ASP B 328 -4.42 -9.32 -29.32
CA ASP B 328 -5.84 -9.51 -29.13
C ASP B 328 -6.45 -8.47 -28.17
N GLY B 329 -5.58 -7.86 -27.35
CA GLY B 329 -6.03 -7.19 -26.13
C GLY B 329 -4.91 -6.45 -25.43
N GLY B 330 -5.27 -5.54 -24.50
CA GLY B 330 -4.34 -4.77 -23.74
C GLY B 330 -3.78 -3.67 -24.59
N TYR B 331 -2.91 -2.82 -24.07
CA TYR B 331 -2.44 -1.75 -24.90
C TYR B 331 -0.99 -1.85 -25.24
N PHE B 332 -0.47 -3.07 -25.32
CA PHE B 332 0.88 -3.23 -25.76
C PHE B 332 1.03 -3.86 -27.16
N ILE B 333 2.18 -3.67 -27.82
CA ILE B 333 2.47 -4.44 -29.04
C ILE B 333 3.93 -4.78 -29.12
N ILE B 334 4.20 -6.07 -29.33
CA ILE B 334 5.59 -6.54 -29.54
C ILE B 334 5.85 -6.51 -31.06
N ALA B 335 7.09 -6.17 -31.42
CA ALA B 335 7.49 -6.19 -32.77
C ALA B 335 8.77 -6.91 -32.79
N ASP B 336 8.90 -7.78 -33.79
CA ASP B 336 10.13 -8.47 -34.05
C ASP B 336 11.10 -7.55 -34.70
N VAL B 337 12.31 -7.55 -34.21
CA VAL B 337 13.21 -6.46 -34.45
C VAL B 337 14.31 -6.93 -35.38
N SER B 338 14.28 -8.21 -35.72
CA SER B 338 15.49 -8.91 -36.08
C SER B 338 15.84 -8.86 -37.58
N SER B 339 14.81 -8.70 -38.38
CA SER B 339 15.00 -8.58 -39.81
C SER B 339 15.09 -7.12 -40.21
N LEU B 340 15.44 -6.28 -39.24
CA LEU B 340 16.13 -5.04 -39.54
C LEU B 340 17.65 -5.13 -39.47
N GLY B 341 18.28 -3.96 -39.58
CA GLY B 341 19.57 -3.90 -40.25
C GLY B 341 20.83 -4.35 -39.53
N ALA B 342 20.92 -3.99 -38.25
CA ALA B 342 22.00 -3.09 -37.88
C ALA B 342 22.67 -3.43 -36.55
N ASP B 343 23.37 -2.42 -36.03
CA ASP B 343 24.85 -2.41 -36.11
C ASP B 343 25.56 -3.00 -34.90
N LEU B 344 25.31 -2.43 -33.73
CA LEU B 344 25.34 -3.17 -32.49
C LEU B 344 26.67 -3.89 -32.33
N SER B 345 27.74 -3.19 -32.67
CA SER B 345 29.04 -3.45 -32.11
C SER B 345 29.44 -2.28 -31.24
N ASP B 346 28.97 -1.10 -31.62
CA ASP B 346 29.01 0.06 -30.76
C ASP B 346 29.04 -0.50 -29.35
N MET B 347 28.07 -1.33 -29.00
CA MET B 347 27.96 -1.83 -27.63
C MET B 347 28.85 -2.91 -27.00
N ASN B 348 28.74 -4.15 -27.47
CA ASN B 348 29.73 -5.19 -27.17
C ASN B 348 29.77 -5.33 -25.65
N SER B 349 28.69 -4.92 -25.01
CA SER B 349 28.26 -5.56 -23.78
C SER B 349 27.54 -6.77 -24.35
N ASP B 350 27.33 -7.78 -23.52
CA ASP B 350 26.46 -8.89 -23.95
C ASP B 350 25.22 -9.05 -23.06
N GLU B 351 24.85 -7.98 -22.49
CA GLU B 351 23.49 -7.85 -22.10
C GLU B 351 22.68 -8.11 -23.35
N PRO B 352 21.40 -8.46 -23.18
CA PRO B 352 20.60 -9.03 -24.30
C PRO B 352 20.45 -8.16 -25.59
N TYR B 353 20.18 -8.83 -26.72
CA TYR B 353 20.06 -8.16 -28.00
C TYR B 353 19.03 -7.03 -28.05
N ASP B 354 17.79 -7.25 -27.62
CA ASP B 354 16.78 -6.14 -27.46
C ASP B 354 17.17 -4.97 -26.54
N TYR B 355 17.77 -5.19 -25.39
CA TYR B 355 18.26 -4.01 -24.67
C TYR B 355 19.16 -3.14 -25.56
N LYS B 356 20.01 -3.81 -26.34
CA LYS B 356 20.94 -3.11 -27.28
C LYS B 356 20.15 -2.38 -28.38
N PHE B 357 19.24 -3.05 -29.08
CA PHE B 357 18.33 -2.33 -29.92
C PHE B 357 17.59 -1.15 -29.27
N VAL B 358 17.09 -1.35 -28.07
CA VAL B 358 16.30 -0.27 -27.48
C VAL B 358 17.14 0.99 -27.26
N LYS B 359 18.38 0.80 -26.77
CA LYS B 359 19.31 1.91 -26.63
C LYS B 359 19.68 2.58 -27.96
N TRP B 360 20.07 1.77 -28.93
CA TRP B 360 20.19 2.22 -30.31
C TRP B 360 18.97 2.98 -30.84
N MET B 361 17.77 2.48 -30.62
CA MET B 361 16.65 3.22 -31.16
C MET B 361 16.37 4.50 -30.35
N THR B 362 16.83 4.56 -29.11
CA THR B 362 16.68 5.77 -28.32
C THR B 362 17.65 6.84 -28.82
N LYS B 363 18.94 6.48 -28.92
CA LYS B 363 20.00 7.41 -29.36
C LYS B 363 19.79 7.82 -30.79
N HIS B 364 19.74 6.85 -31.68
CA HIS B 364 19.63 7.19 -33.11
C HIS B 364 18.28 7.65 -33.65
N LYS B 365 17.17 7.22 -33.05
CA LYS B 365 15.85 7.42 -33.69
C LYS B 365 14.96 8.21 -32.76
N LYS B 366 15.45 8.50 -31.55
CA LYS B 366 14.67 9.37 -30.68
C LYS B 366 13.33 8.69 -30.28
N LEU B 367 13.37 7.36 -30.15
CA LEU B 367 12.20 6.56 -29.79
C LEU B 367 12.55 5.50 -28.74
N THR B 368 11.80 5.41 -27.65
CA THR B 368 12.03 4.31 -26.72
C THR B 368 10.96 3.27 -26.61
N ALA B 369 11.37 2.10 -26.17
CA ALA B 369 10.46 0.95 -26.04
C ALA B 369 11.07 -0.01 -24.99
N ILE B 370 10.39 -1.12 -24.69
CA ILE B 370 10.87 -2.05 -23.71
C ILE B 370 11.30 -3.39 -24.33
N PRO B 371 12.55 -3.80 -24.04
CA PRO B 371 13.09 -5.09 -24.41
C PRO B 371 12.24 -6.19 -23.84
N VAL B 372 11.69 -7.05 -24.67
CA VAL B 372 10.90 -8.20 -24.18
C VAL B 372 11.69 -9.11 -23.27
N SER B 373 13.01 -9.06 -23.36
CA SER B 373 13.80 -9.98 -22.51
C SER B 373 13.68 -9.65 -20.98
N ALA B 374 13.30 -8.41 -20.64
CA ALA B 374 13.13 -8.02 -19.21
C ALA B 374 12.13 -8.92 -18.50
N PHE B 375 11.14 -9.41 -19.27
CA PHE B 375 10.06 -10.20 -18.73
C PHE B 375 10.30 -11.70 -18.85
N CYS B 376 11.57 -12.11 -18.88
CA CYS B 376 11.91 -13.51 -19.21
C CYS B 376 12.83 -14.01 -18.19
N ASP B 377 12.64 -15.28 -17.74
CA ASP B 377 13.61 -15.91 -16.82
C ASP B 377 14.94 -15.86 -17.58
N SER B 378 16.05 -16.03 -16.88
CA SER B 378 17.35 -16.02 -17.54
C SER B 378 17.42 -17.07 -18.69
N LYS B 379 17.33 -18.35 -18.34
CA LYS B 379 17.17 -19.42 -19.32
C LYS B 379 16.47 -18.89 -20.55
N SER B 380 15.26 -18.31 -20.39
CA SER B 380 14.40 -18.03 -21.55
C SER B 380 14.81 -16.88 -22.51
N LYS B 381 15.68 -15.96 -22.08
CA LYS B 381 15.85 -14.76 -22.83
C LYS B 381 16.34 -15.02 -24.27
N PRO B 382 17.34 -15.94 -24.47
CA PRO B 382 17.75 -16.09 -25.89
C PRO B 382 16.54 -16.19 -26.86
N HIS B 383 15.44 -16.82 -26.44
CA HIS B 383 14.33 -17.11 -27.29
C HIS B 383 13.34 -15.97 -27.50
N PHE B 384 13.52 -14.89 -26.73
CA PHE B 384 12.71 -13.67 -26.91
C PHE B 384 13.50 -12.35 -27.05
N GLU B 385 14.82 -12.39 -27.01
CA GLU B 385 15.67 -11.19 -27.03
C GLU B 385 15.66 -10.34 -28.37
N LYS B 386 14.93 -10.78 -29.39
CA LYS B 386 14.82 -10.01 -30.64
C LYS B 386 13.39 -9.44 -30.67
N LEU B 387 12.76 -9.40 -29.50
CA LEU B 387 11.41 -8.88 -29.41
C LEU B 387 11.43 -7.64 -28.57
N VAL B 388 10.63 -6.65 -28.96
CA VAL B 388 10.64 -5.31 -28.35
C VAL B 388 9.23 -4.82 -28.12
N ARG B 389 8.91 -4.24 -26.95
CA ARG B 389 7.51 -3.90 -26.66
C ARG B 389 7.19 -2.40 -26.79
N PHE B 390 6.03 -2.05 -27.34
CA PHE B 390 5.63 -0.68 -27.61
C PHE B 390 4.26 -0.41 -27.01
N CYS B 391 4.01 0.77 -26.51
CA CYS B 391 2.71 1.05 -25.87
C CYS B 391 1.86 2.08 -26.64
N PHE B 392 0.57 1.82 -26.80
CA PHE B 392 -0.26 2.70 -27.62
C PHE B 392 -1.48 3.40 -26.97
N ILE B 393 -1.56 3.38 -25.64
CA ILE B 393 -2.61 4.15 -24.94
C ILE B 393 -2.05 5.54 -24.85
N LYS B 394 -1.98 6.18 -26.02
CA LYS B 394 -1.36 7.50 -26.18
C LYS B 394 -2.33 8.41 -26.91
N LYS B 395 -2.09 9.71 -26.86
CA LYS B 395 -2.98 10.66 -27.55
C LYS B 395 -2.49 10.89 -28.97
N ASP B 396 -3.38 11.21 -29.89
CA ASP B 396 -2.99 11.46 -31.27
C ASP B 396 -1.70 12.29 -31.43
N SER B 397 -1.68 13.47 -30.84
CA SER B 397 -0.48 14.28 -30.70
C SER B 397 0.72 13.37 -30.72
N THR B 398 0.74 12.41 -29.79
CA THR B 398 1.90 11.53 -29.52
C THR B 398 2.07 10.44 -30.59
N LEU B 399 0.97 10.04 -31.23
CA LEU B 399 1.12 9.03 -32.24
C LEU B 399 1.51 9.67 -33.57
N ASP B 400 1.28 10.98 -33.69
CA ASP B 400 1.80 11.75 -34.81
C ASP B 400 3.30 11.87 -34.63
N ALA B 401 3.72 12.18 -33.40
CA ALA B 401 5.14 12.41 -33.13
C ALA B 401 5.82 11.18 -33.51
N ALA B 402 5.21 10.08 -33.12
CA ALA B 402 5.68 8.76 -33.46
C ALA B 402 5.73 8.55 -35.01
N GLU B 403 4.59 8.73 -35.70
CA GLU B 403 4.54 8.63 -37.15
C GLU B 403 5.55 9.46 -37.90
N GLU B 404 6.02 10.57 -37.34
CA GLU B 404 7.06 11.33 -37.99
C GLU B 404 8.33 10.52 -37.96
N ILE B 405 8.73 10.09 -36.78
CA ILE B 405 9.89 9.23 -36.62
C ILE B 405 9.91 8.08 -37.61
N PHE B 406 8.76 7.44 -37.74
CA PHE B 406 8.65 6.26 -38.60
C PHE B 406 8.76 6.60 -40.05
N ARG B 407 7.92 7.54 -40.50
CA ARG B 407 8.08 8.26 -41.76
C ARG B 407 9.54 8.48 -42.10
N ALA B 408 10.29 8.92 -41.11
CA ALA B 408 11.69 9.39 -41.28
C ALA B 408 12.76 8.37 -40.87
N TRP B 409 12.42 7.09 -40.83
CA TRP B 409 13.36 6.09 -40.31
C TRP B 409 14.49 5.82 -41.31
N ASN B 410 14.08 5.80 -42.60
CA ASN B 410 14.88 5.32 -43.74
C ASN B 410 14.84 6.33 -44.87
C KYN C . -6.05 4.52 16.67
N KYN C . -5.64 5.95 14.89
OXT KYN C . -4.87 4.37 16.95
C1 KYN C . -7.10 3.84 13.11
N1 KYN C . -6.62 1.32 14.00
O2 KYN C . -7.37 4.95 12.68
CA KYN C . -6.49 4.87 15.31
CB KYN C . -6.35 3.65 14.41
CG KYN C . -7.25 1.42 12.80
CZ KYN C . -8.53 1.69 10.36
CD1 KYN C . -7.62 0.29 12.08
CD2 KYN C . -7.52 2.66 12.31
CE1 KYN C . -8.26 0.42 10.86
CE2 KYN C . -8.16 2.82 11.10
O KYN C . -6.91 4.51 17.56
C1 GOL D . 24.37 -8.18 18.83
O1 GOL D . 24.09 -7.14 17.96
C2 GOL D . 25.44 -7.58 19.74
O2 GOL D . 26.53 -7.17 19.01
C3 GOL D . 26.09 -8.49 20.75
O3 GOL D . 25.61 -7.94 21.97
C1 GOL E . 8.61 20.13 16.39
O1 GOL E . 7.78 19.47 17.38
C2 GOL E . 9.52 19.16 15.61
O2 GOL E . 10.88 19.22 15.95
C3 GOL E . 9.04 17.71 15.51
O3 GOL E . 9.61 17.09 14.39
N1 PMP F . -0.38 -6.82 -13.66
C2 PMP F . -0.09 -6.50 -14.98
C2A PMP F . -0.21 -7.65 -15.96
C3 PMP F . 0.26 -5.15 -15.31
O3 PMP F . 0.51 -4.78 -16.62
C4 PMP F . 0.36 -4.20 -14.28
C4A PMP F . 1.05 -2.87 -14.61
N4A PMP F . 0.46 -2.29 -15.78
C5 PMP F . -0.02 -4.56 -12.94
C6 PMP F . -0.36 -5.88 -12.67
C5A PMP F . -0.05 -3.66 -11.67
O4P PMP F . -0.40 -2.30 -11.83
P PMP F . -1.22 -1.53 -10.70
O1P PMP F . -0.73 -0.11 -10.81
O2P PMP F . -2.71 -1.78 -10.89
O3P PMP F . -0.68 -2.06 -9.37
C KYN G . 4.49 -1.41 -17.90
N KYN G . 2.62 -0.78 -16.68
OXT KYN G . 4.19 -2.59 -17.86
C1 KYN G . 4.66 0.71 -14.79
N1 KYN G . 6.76 -0.98 -14.05
O2 KYN G . 3.79 1.52 -15.07
CA KYN G . 4.00 -0.43 -16.92
CB KYN G . 4.80 -0.55 -15.62
CG KYN G . 6.57 0.12 -13.30
CZ KYN G . 6.16 2.40 -11.77
CD1 KYN G . 7.40 0.39 -12.21
CD2 KYN G . 5.55 0.98 -13.62
CE1 KYN G . 7.20 1.53 -11.45
CE2 KYN G . 5.34 2.12 -12.86
O KYN G . 5.18 -1.01 -18.86
C1 GOL H . -13.45 -29.47 -12.74
O1 GOL H . -14.43 -30.39 -12.25
C2 GOL H . -12.62 -29.91 -13.96
O2 GOL H . -13.38 -30.60 -14.92
C3 GOL H . -12.10 -28.67 -14.66
O3 GOL H . -13.12 -27.70 -14.78
C1 GOL I . -1.65 -32.78 -5.48
O1 GOL I . -0.51 -33.51 -5.84
C2 GOL I . -1.28 -31.70 -4.48
O2 GOL I . -0.93 -30.56 -5.17
C3 GOL I . -2.48 -31.40 -3.61
O3 GOL I . -2.86 -32.57 -2.93
#